data_7DX4
#
_entry.id   7DX4
#
_cell.length_a   1.00
_cell.length_b   1.00
_cell.length_c   1.00
_cell.angle_alpha   90.00
_cell.angle_beta   90.00
_cell.angle_gamma   90.00
#
_symmetry.space_group_name_H-M   'P 1'
#
loop_
_entity.id
_entity.type
_entity.pdbx_description
1 polymer 'Angiotensin-converting enzyme 2'
2 polymer 'Spike protein S1'
3 polymer 'Heavy chain of FC08 Fab'
4 polymer 'Light chain of FC08 Fab'
5 non-polymer 2-acetamido-2-deoxy-beta-D-glucopyranose
#
loop_
_entity_poly.entity_id
_entity_poly.type
_entity_poly.pdbx_seq_one_letter_code
_entity_poly.pdbx_strand_id
1 'polypeptide(L)'
;STIEEQAKTFLDKFNHEAEDLFYQSSLASWNYNTNITEENVQNMNNAGDKWSAFLKEQSTLAQMYPLQEIQNLTVKLQLQ
ALQQNGSSVLSEDKSKRLNTILNTMSTIYSTGKVCNPDNPQECLLLEPGLNEIMANSLDYNERLWAWESWRSEVGKQLRP
LYEEYVVLKNEMARANHYEDYGDYWRGDYEVNGVDGYDYSRGQLIEDVEHTFEEIKPLYEHLHAYVRAKLMNAYPSYISP
IGCLPAHLLGDMWGRFWTNLYSLTVPFGQKPNIDVTDAMVDQAWDAQRIFKEAEKFFVSVGLPNMTQGFWENSMLTDPGN
VQKAVCHPTAWDLGKGDFRILMCTKVTMDDFLTAHHEMGHIQYDMAYAAQPFLLRNGANEGFHEAVGEIMSLSAATPKHL
KSIGLLSPDFQEDNETEINFLLKQALTIVGTLPFTYMLEKWRWMVFKGEIPKDQWMKKWWEMKREIVGVVEPVPHDETYC
DPASLFHVSNDYSFIRYYTRTLYQFQFQEALCQAAKHEGPLHKCDISNSTEAGQKLFNMLRLGKSEPWTLALENVVGAKN
MNVRPLLNYFEPLFTWLKDQNKNSFVGWSTDWSPYAD
;
A
2 'polypeptide(L)'
;TNLCPFGEVFNATRFASVYAWNRKRISNCVADYSVLYNSASFSTFKCYGVSPTKLNDLCFTNVYADSFVIRGDEVRQIAP
GQTGKIADYNYKLPDDFTGCVIAWNSNNLDSKVGGNYNYLYRLFRKSNLKPFERDISTEIYQAGSTPCNGVEGFNCYFPL
QSYGFQPTNGVGYQPYRVVVLSFELLHAPATVCG
;
E
3 'polypeptide(L)'
;QLLQQSGAEVKKPGSSVKVSCKASGGTFSSYAISWVRQAPGQGLEWMGGIIPIIGIANYAQKFQGRVTITADKSTSTAYM
ELSSLRSEDTAVYYCARERGYSGYGAAYYFDYWGQGTLVTVSSA
;
H
4 'polypeptide(L)'
;SVLTQPPSVSGAPGQRVTISCTGSSSNIGAGYDVHWYQQLPGTAPKLLIYGNSNRPSGVPDRFSGSKSGTSASLAITGLQ
AEDEADYYCQSYDSSLSGSVFGGGTKLTVLGQ
;
L
#
loop_
_chem_comp.id
_chem_comp.type
_chem_comp.name
_chem_comp.formula
NAG D-saccharide, beta linking 2-acetamido-2-deoxy-beta-D-glucopyranose 'C8 H15 N O6'
#
# COMPACT_ATOMS: atom_id res chain seq x y z
N SER A 1 17.76 -9.44 18.31
CA SER A 1 18.13 -9.76 19.67
C SER A 1 16.96 -9.58 20.63
N THR A 2 16.73 -8.34 21.06
CA THR A 2 15.67 -8.04 21.99
C THR A 2 14.31 -8.14 21.31
N ILE A 3 13.25 -8.11 22.13
CA ILE A 3 11.90 -8.23 21.62
C ILE A 3 11.53 -7.01 20.77
N GLU A 4 12.07 -5.85 21.14
CA GLU A 4 11.82 -4.64 20.36
C GLU A 4 12.49 -4.70 19.00
N GLU A 5 13.76 -5.13 18.95
CA GLU A 5 14.47 -5.14 17.68
C GLU A 5 14.02 -6.30 16.78
N GLN A 6 13.47 -7.36 17.36
CA GLN A 6 12.83 -8.37 16.53
C GLN A 6 11.52 -7.86 15.97
N ALA A 7 10.80 -7.04 16.75
CA ALA A 7 9.57 -6.44 16.27
C ALA A 7 9.86 -5.38 15.24
N LYS A 8 10.99 -4.68 15.36
CA LYS A 8 11.41 -3.77 14.31
C LYS A 8 11.83 -4.51 13.06
N THR A 9 12.26 -5.77 13.21
CA THR A 9 12.59 -6.59 12.05
C THR A 9 11.32 -7.19 11.44
N PHE A 10 10.39 -7.63 12.29
CA PHE A 10 9.13 -8.21 11.82
C PHE A 10 8.30 -7.19 11.05
N LEU A 11 8.16 -5.99 11.59
CA LEU A 11 7.37 -4.97 10.93
C LEU A 11 8.09 -4.42 9.71
N ASP A 12 9.41 -4.60 9.66
CA ASP A 12 10.15 -4.28 8.44
C ASP A 12 9.87 -5.32 7.36
N LYS A 13 9.58 -6.55 7.78
CA LYS A 13 9.21 -7.59 6.83
C LYS A 13 7.72 -7.57 6.55
N PHE A 14 6.91 -7.16 7.53
CA PHE A 14 5.47 -7.12 7.34
C PHE A 14 5.07 -6.06 6.32
N ASN A 15 5.73 -4.90 6.36
CA ASN A 15 5.35 -3.80 5.49
C ASN A 15 5.59 -4.13 4.03
N HIS A 16 6.78 -4.65 3.72
CA HIS A 16 7.14 -4.88 2.32
C HIS A 16 6.47 -6.13 1.76
N GLU A 17 5.76 -6.87 2.60
CA GLU A 17 4.79 -7.83 2.10
C GLU A 17 3.41 -7.20 2.00
N ALA A 18 3.08 -6.29 2.92
CA ALA A 18 1.71 -5.77 2.96
C ALA A 18 1.53 -4.61 2.01
N GLU A 19 2.62 -3.98 1.56
CA GLU A 19 2.50 -3.00 0.48
C GLU A 19 2.03 -3.69 -0.79
N ASP A 20 2.63 -4.83 -1.11
CA ASP A 20 2.34 -5.52 -2.36
C ASP A 20 0.97 -6.18 -2.33
N LEU A 21 0.59 -6.81 -1.23
CA LEU A 21 -0.65 -7.57 -1.23
C LEU A 21 -1.86 -6.67 -1.04
N PHE A 22 -1.67 -5.49 -0.45
CA PHE A 22 -2.79 -4.57 -0.37
C PHE A 22 -2.97 -3.84 -1.70
N TYR A 23 -1.90 -3.72 -2.47
CA TYR A 23 -2.01 -3.08 -3.77
C TYR A 23 -2.81 -3.94 -4.72
N GLN A 24 -2.56 -5.24 -4.73
CA GLN A 24 -3.32 -6.15 -5.58
C GLN A 24 -4.74 -6.32 -5.08
N SER A 25 -4.95 -6.17 -3.77
CA SER A 25 -6.30 -6.22 -3.23
C SER A 25 -7.08 -4.97 -3.58
N SER A 26 -6.35 -3.87 -3.87
CA SER A 26 -7.02 -2.63 -4.24
C SER A 26 -7.11 -2.48 -5.76
N LEU A 27 -6.05 -2.85 -6.48
CA LEU A 27 -6.04 -2.71 -7.94
C LEU A 27 -7.03 -3.66 -8.60
N ALA A 28 -7.36 -4.77 -7.94
CA ALA A 28 -8.41 -5.64 -8.45
C ALA A 28 -9.78 -5.15 -8.01
N SER A 29 -9.87 -4.54 -6.81
CA SER A 29 -11.14 -3.96 -6.39
C SER A 29 -11.40 -2.63 -7.11
N TRP A 30 -10.33 -2.01 -7.61
CA TRP A 30 -10.50 -0.93 -8.57
C TRP A 30 -11.16 -1.42 -9.85
N ASN A 31 -10.61 -2.48 -10.44
CA ASN A 31 -11.06 -2.94 -11.76
C ASN A 31 -12.45 -3.54 -11.70
N TYR A 32 -12.89 -3.98 -10.53
CA TYR A 32 -14.32 -4.29 -10.39
C TYR A 32 -15.16 -3.03 -10.44
N ASN A 33 -14.80 -2.03 -9.64
CA ASN A 33 -15.65 -0.85 -9.48
C ASN A 33 -15.61 0.08 -10.69
N THR A 34 -14.66 -0.08 -11.60
CA THR A 34 -14.67 0.63 -12.87
C THR A 34 -15.41 -0.14 -13.95
N ASN A 35 -15.43 -1.46 -13.87
CA ASN A 35 -15.95 -2.30 -14.95
C ASN A 35 -16.57 -3.54 -14.33
N ILE A 36 -17.88 -3.51 -14.09
CA ILE A 36 -18.55 -4.58 -13.35
C ILE A 36 -18.71 -5.77 -14.28
N THR A 37 -17.76 -6.70 -14.20
CA THR A 37 -17.84 -7.96 -14.93
C THR A 37 -17.65 -9.09 -13.94
N GLU A 38 -18.15 -10.28 -14.32
CA GLU A 38 -18.07 -11.42 -13.43
C GLU A 38 -16.64 -11.97 -13.36
N GLU A 39 -15.85 -11.71 -14.40
CA GLU A 39 -14.42 -12.03 -14.35
C GLU A 39 -13.72 -11.19 -13.29
N ASN A 40 -14.09 -9.92 -13.16
CA ASN A 40 -13.43 -9.05 -12.19
C ASN A 40 -13.93 -9.29 -10.78
N VAL A 41 -15.08 -9.96 -10.61
CA VAL A 41 -15.50 -10.38 -9.27
C VAL A 41 -14.54 -11.43 -8.73
N GLN A 42 -14.04 -12.29 -9.61
CA GLN A 42 -13.14 -13.36 -9.19
C GLN A 42 -11.79 -12.81 -8.78
N ASN A 43 -11.25 -11.87 -9.56
CA ASN A 43 -9.98 -11.24 -9.20
C ASN A 43 -10.13 -10.36 -7.97
N MET A 44 -11.34 -9.85 -7.73
CA MET A 44 -11.62 -9.13 -6.49
C MET A 44 -11.59 -10.06 -5.29
N ASN A 45 -12.07 -11.29 -5.46
CA ASN A 45 -12.13 -12.22 -4.32
C ASN A 45 -10.92 -13.15 -4.29
N ASN A 46 -10.13 -13.19 -5.36
CA ASN A 46 -8.85 -13.89 -5.26
C ASN A 46 -7.82 -13.06 -4.51
N ALA A 47 -7.52 -11.87 -5.02
CA ALA A 47 -6.53 -11.01 -4.37
C ALA A 47 -7.10 -10.40 -3.09
N GLY A 48 -8.42 -10.33 -2.96
CA GLY A 48 -9.00 -9.85 -1.72
C GLY A 48 -8.88 -10.84 -0.58
N ASP A 49 -8.85 -12.13 -0.91
CA ASP A 49 -8.72 -13.15 0.13
C ASP A 49 -7.28 -13.56 0.33
N LYS A 50 -6.43 -13.28 -0.66
CA LYS A 50 -4.99 -13.40 -0.43
C LYS A 50 -4.48 -12.30 0.47
N TRP A 51 -5.24 -11.21 0.57
CA TRP A 51 -4.99 -10.19 1.59
C TRP A 51 -5.69 -10.51 2.90
N SER A 52 -6.94 -10.99 2.83
CA SER A 52 -7.71 -11.23 4.05
C SER A 52 -7.17 -12.42 4.83
N ALA A 53 -6.55 -13.39 4.15
CA ALA A 53 -5.88 -14.46 4.86
C ALA A 53 -4.48 -14.03 5.28
N PHE A 54 -3.93 -13.01 4.63
CA PHE A 54 -2.59 -12.55 4.99
C PHE A 54 -2.62 -11.78 6.30
N LEU A 55 -3.72 -11.10 6.59
CA LEU A 55 -3.89 -10.51 7.93
C LEU A 55 -3.99 -11.60 8.98
N LYS A 56 -4.75 -12.66 8.70
CA LYS A 56 -4.86 -13.79 9.61
C LYS A 56 -3.54 -14.54 9.69
N GLU A 57 -2.76 -14.52 8.61
CA GLU A 57 -1.41 -15.08 8.64
C GLU A 57 -0.50 -14.27 9.55
N GLN A 58 -0.60 -12.94 9.50
CA GLN A 58 0.35 -12.12 10.22
C GLN A 58 -0.18 -11.66 11.57
N SER A 59 -1.46 -11.92 11.86
CA SER A 59 -1.95 -11.66 13.22
C SER A 59 -1.42 -12.72 14.18
N THR A 60 -1.40 -13.98 13.75
CA THR A 60 -0.93 -15.06 14.61
C THR A 60 0.57 -14.97 14.81
N LEU A 61 1.30 -14.52 13.79
CA LEU A 61 2.75 -14.40 13.91
C LEU A 61 3.13 -13.18 14.74
N ALA A 62 2.20 -12.24 14.92
CA ALA A 62 2.53 -11.04 15.69
C ALA A 62 2.26 -11.22 17.17
N GLN A 63 1.34 -12.12 17.54
CA GLN A 63 1.01 -12.33 18.95
C GLN A 63 2.09 -13.06 19.71
N MET A 64 3.14 -13.54 19.05
CA MET A 64 4.32 -14.07 19.70
C MET A 64 5.27 -12.98 20.20
N TYR A 65 4.89 -11.72 20.06
CA TYR A 65 5.64 -10.58 20.59
C TYR A 65 4.83 -9.92 21.68
N PRO A 66 5.25 -9.98 22.94
CA PRO A 66 4.49 -9.32 24.01
C PRO A 66 4.66 -7.82 23.96
N LEU A 67 3.57 -7.08 24.18
CA LEU A 67 3.62 -5.63 24.10
C LEU A 67 4.33 -5.01 25.29
N GLN A 68 4.47 -5.77 26.39
CA GLN A 68 5.03 -5.20 27.61
C GLN A 68 6.52 -4.92 27.46
N GLU A 69 7.22 -5.70 26.63
CA GLU A 69 8.65 -5.52 26.43
C GLU A 69 8.95 -4.72 25.17
N ILE A 70 8.08 -3.78 24.84
CA ILE A 70 8.24 -2.90 23.68
C ILE A 70 8.15 -1.46 24.16
N GLN A 71 9.19 -0.68 23.87
CA GLN A 71 9.28 0.68 24.37
C GLN A 71 8.90 1.72 23.33
N ASN A 72 9.28 1.52 22.08
CA ASN A 72 9.03 2.50 21.04
C ASN A 72 7.57 2.44 20.63
N LEU A 73 6.84 3.53 20.86
CA LEU A 73 5.39 3.51 20.67
C LEU A 73 5.02 3.46 19.19
N THR A 74 5.88 3.98 18.31
CA THR A 74 5.60 3.89 16.89
C THR A 74 5.76 2.46 16.38
N VAL A 75 6.52 1.63 17.10
CA VAL A 75 6.49 0.19 16.84
C VAL A 75 5.31 -0.44 17.56
N LYS A 76 4.98 0.08 18.74
CA LYS A 76 3.98 -0.55 19.59
C LYS A 76 2.57 -0.29 19.07
N LEU A 77 2.36 0.83 18.36
CA LEU A 77 1.06 1.09 17.76
C LEU A 77 0.82 0.20 16.55
N GLN A 78 1.89 -0.26 15.91
CA GLN A 78 1.73 -1.12 14.75
C GLN A 78 1.32 -2.52 15.19
N LEU A 79 1.92 -3.03 16.26
CA LEU A 79 1.60 -4.37 16.73
C LEU A 79 0.25 -4.38 17.43
N GLN A 80 -0.13 -3.27 18.05
CA GLN A 80 -1.42 -3.22 18.76
C GLN A 80 -2.58 -3.29 17.79
N ALA A 81 -2.38 -2.79 16.56
CA ALA A 81 -3.40 -2.94 15.53
C ALA A 81 -3.28 -4.29 14.83
N LEU A 82 -2.16 -4.97 15.04
CA LEU A 82 -1.93 -6.23 14.34
C LEU A 82 -2.15 -7.44 15.24
N GLN A 83 -1.74 -7.36 16.51
CA GLN A 83 -1.92 -8.48 17.42
C GLN A 83 -3.36 -8.66 17.86
N GLN A 84 -4.23 -7.68 17.60
CA GLN A 84 -5.66 -7.92 17.73
C GLN A 84 -6.07 -8.93 16.68
N ASN A 85 -6.85 -9.93 17.07
CA ASN A 85 -7.17 -11.01 16.16
C ASN A 85 -8.63 -10.97 15.71
N GLY A 86 -9.42 -10.08 16.30
CA GLY A 86 -10.76 -9.80 15.83
C GLY A 86 -11.77 -10.91 16.05
N SER A 87 -12.34 -11.43 14.95
CA SER A 87 -13.32 -12.50 15.07
C SER A 87 -12.67 -13.87 15.12
N SER A 88 -11.37 -13.94 14.82
CA SER A 88 -10.65 -15.21 14.82
C SER A 88 -10.33 -15.73 16.21
N VAL A 89 -10.61 -14.95 17.25
CA VAL A 89 -10.47 -15.46 18.61
C VAL A 89 -11.64 -16.37 18.97
N LEU A 90 -12.73 -16.32 18.21
CA LEU A 90 -13.86 -17.20 18.44
C LEU A 90 -13.54 -18.61 17.96
N SER A 91 -14.39 -19.56 18.38
CA SER A 91 -14.36 -20.89 17.79
C SER A 91 -14.89 -20.84 16.38
N GLU A 92 -14.44 -21.78 15.55
CA GLU A 92 -14.82 -21.77 14.13
C GLU A 92 -16.25 -22.26 13.95
N ASP A 93 -16.82 -22.86 14.99
CA ASP A 93 -18.28 -23.02 15.04
C ASP A 93 -18.98 -21.68 15.09
N LYS A 94 -18.52 -20.79 15.97
CA LYS A 94 -19.17 -19.49 16.14
C LYS A 94 -18.79 -18.53 15.01
N SER A 95 -17.61 -18.71 14.41
CA SER A 95 -17.14 -17.78 13.41
C SER A 95 -17.90 -17.92 12.10
N LYS A 96 -18.23 -19.15 11.72
CA LYS A 96 -18.93 -19.36 10.46
C LYS A 96 -20.42 -19.07 10.61
N ARG A 97 -20.96 -19.20 11.83
CA ARG A 97 -22.30 -18.71 12.08
C ARG A 97 -22.35 -17.19 12.00
N LEU A 98 -21.27 -16.54 12.46
CA LEU A 98 -21.24 -15.08 12.53
C LEU A 98 -21.15 -14.46 11.15
N ASN A 99 -20.25 -14.98 10.31
CA ASN A 99 -20.10 -14.45 8.96
C ASN A 99 -21.32 -14.77 8.10
N THR A 100 -22.09 -15.79 8.48
CA THR A 100 -23.36 -16.07 7.83
C THR A 100 -24.38 -14.97 8.10
N ILE A 101 -24.49 -14.56 9.38
CA ILE A 101 -25.52 -13.60 9.79
C ILE A 101 -25.26 -12.23 9.17
N LEU A 102 -23.98 -11.86 9.04
CA LEU A 102 -23.63 -10.59 8.41
C LEU A 102 -24.04 -10.59 6.94
N ASN A 103 -23.80 -11.71 6.24
CA ASN A 103 -24.27 -11.82 4.86
C ASN A 103 -25.75 -12.14 4.82
N THR A 104 -26.34 -12.54 5.95
CA THR A 104 -27.79 -12.70 6.00
C THR A 104 -28.47 -11.36 6.20
N MET A 105 -27.91 -10.52 7.09
CA MET A 105 -28.51 -9.22 7.36
C MET A 105 -28.28 -8.26 6.20
N SER A 106 -27.19 -8.44 5.45
CA SER A 106 -26.90 -7.53 4.34
C SER A 106 -27.88 -7.74 3.20
N THR A 107 -28.22 -9.00 2.90
CA THR A 107 -29.13 -9.27 1.79
C THR A 107 -30.58 -8.89 2.12
N ILE A 108 -30.97 -8.96 3.38
CA ILE A 108 -32.28 -8.45 3.77
C ILE A 108 -32.31 -6.93 3.62
N TYR A 109 -31.19 -6.28 3.89
CA TYR A 109 -31.10 -4.85 3.62
C TYR A 109 -31.00 -4.57 2.12
N SER A 110 -29.93 -5.06 1.48
CA SER A 110 -29.59 -4.63 0.13
C SER A 110 -30.51 -5.19 -0.93
N THR A 111 -30.97 -6.43 -0.78
CA THR A 111 -31.83 -7.06 -1.77
C THR A 111 -33.26 -7.22 -1.29
N GLY A 112 -33.56 -6.87 -0.05
CA GLY A 112 -34.94 -6.86 0.41
C GLY A 112 -35.70 -5.71 -0.21
N LYS A 113 -37.03 -5.85 -0.25
CA LYS A 113 -37.88 -4.87 -0.89
C LYS A 113 -39.23 -4.85 -0.19
N VAL A 114 -40.00 -3.80 -0.45
CA VAL A 114 -41.37 -3.69 0.02
C VAL A 114 -42.29 -3.68 -1.18
N CYS A 115 -43.56 -4.00 -0.95
CA CYS A 115 -44.53 -4.13 -2.03
C CYS A 115 -45.79 -3.36 -1.67
N ASN A 116 -46.29 -2.56 -2.61
CA ASN A 116 -47.55 -1.87 -2.40
C ASN A 116 -48.72 -2.85 -2.38
N PRO A 117 -49.70 -2.66 -1.47
CA PRO A 117 -50.65 -3.74 -1.16
C PRO A 117 -51.69 -4.02 -2.23
N ASP A 118 -51.99 -3.03 -3.07
CA ASP A 118 -52.97 -3.22 -4.13
C ASP A 118 -52.44 -3.92 -5.36
N ASN A 119 -51.12 -3.93 -5.58
CA ASN A 119 -50.53 -4.60 -6.72
C ASN A 119 -49.31 -5.38 -6.23
N PRO A 120 -49.49 -6.63 -5.79
CA PRO A 120 -48.39 -7.34 -5.13
C PRO A 120 -47.27 -7.80 -6.05
N GLN A 121 -47.40 -7.65 -7.37
CA GLN A 121 -46.36 -8.10 -8.29
C GLN A 121 -45.33 -7.05 -8.62
N GLU A 122 -45.69 -5.76 -8.63
CA GLU A 122 -44.71 -4.68 -8.71
C GLU A 122 -44.39 -4.27 -7.28
N CYS A 123 -43.12 -4.01 -7.01
CA CYS A 123 -42.64 -3.80 -5.65
C CYS A 123 -41.57 -2.72 -5.64
N LEU A 124 -41.22 -2.29 -4.44
CA LEU A 124 -40.35 -1.14 -4.22
C LEU A 124 -39.12 -1.54 -3.43
N LEU A 125 -37.95 -1.28 -3.99
CA LEU A 125 -36.71 -1.37 -3.25
C LEU A 125 -36.54 -0.14 -2.35
N LEU A 126 -35.47 -0.15 -1.55
CA LEU A 126 -35.10 1.06 -0.83
C LEU A 126 -34.47 2.07 -1.78
N GLU A 127 -33.36 1.69 -2.41
CA GLU A 127 -32.68 2.52 -3.40
C GLU A 127 -33.00 2.01 -4.79
N PRO A 128 -33.50 2.87 -5.70
CA PRO A 128 -33.91 4.25 -5.42
C PRO A 128 -35.39 4.34 -5.15
N GLY A 129 -36.01 3.23 -4.76
CA GLY A 129 -37.45 3.20 -4.60
C GLY A 129 -37.97 3.99 -3.41
N LEU A 130 -37.64 3.55 -2.20
CA LEU A 130 -38.15 4.22 -1.01
C LEU A 130 -37.39 5.51 -0.73
N ASN A 131 -36.20 5.66 -1.31
CA ASN A 131 -35.47 6.91 -1.14
C ASN A 131 -36.14 8.04 -1.92
N GLU A 132 -36.67 7.74 -3.11
CA GLU A 132 -37.38 8.75 -3.88
C GLU A 132 -38.72 9.08 -3.22
N ILE A 133 -39.30 8.15 -2.48
CA ILE A 133 -40.53 8.43 -1.75
C ILE A 133 -40.24 9.30 -0.54
N MET A 134 -39.31 8.88 0.31
CA MET A 134 -39.10 9.54 1.58
C MET A 134 -38.36 10.87 1.45
N ALA A 135 -37.82 11.20 0.28
CA ALA A 135 -37.14 12.47 0.10
C ALA A 135 -37.90 13.46 -0.77
N ASN A 136 -38.88 13.01 -1.54
CA ASN A 136 -39.51 13.87 -2.53
C ASN A 136 -41.02 13.91 -2.45
N SER A 137 -41.66 12.91 -1.85
CA SER A 137 -43.10 12.97 -1.67
C SER A 137 -43.44 13.97 -0.57
N LEU A 138 -44.61 14.58 -0.68
CA LEU A 138 -45.11 15.49 0.32
C LEU A 138 -46.38 15.00 0.99
N ASP A 139 -46.88 13.84 0.57
CA ASP A 139 -48.06 13.25 1.18
C ASP A 139 -47.72 12.71 2.57
N TYR A 140 -48.69 12.77 3.48
CA TYR A 140 -48.49 12.18 4.80
C TYR A 140 -48.45 10.66 4.72
N ASN A 141 -49.49 10.06 4.13
CA ASN A 141 -49.64 8.61 4.18
C ASN A 141 -48.69 7.88 3.26
N GLU A 142 -48.24 8.52 2.18
CA GLU A 142 -47.23 7.91 1.32
C GLU A 142 -45.90 7.80 2.05
N ARG A 143 -45.58 8.81 2.86
CA ARG A 143 -44.40 8.72 3.71
C ARG A 143 -44.65 7.84 4.92
N LEU A 144 -45.90 7.79 5.39
CA LEU A 144 -46.26 6.91 6.51
C LEU A 144 -46.21 5.45 6.12
N TRP A 145 -46.69 5.12 4.92
CA TRP A 145 -46.62 3.75 4.45
C TRP A 145 -45.18 3.31 4.20
N ALA A 146 -44.37 4.20 3.62
CA ALA A 146 -42.99 3.86 3.30
C ALA A 146 -42.15 3.74 4.56
N TRP A 147 -42.55 4.45 5.63
CA TRP A 147 -41.90 4.31 6.92
C TRP A 147 -42.17 2.92 7.51
N GLU A 148 -43.44 2.53 7.53
CA GLU A 148 -43.85 1.32 8.22
C GLU A 148 -43.44 0.07 7.46
N SER A 149 -43.54 0.09 6.12
CA SER A 149 -43.34 -1.11 5.32
C SER A 149 -41.89 -1.57 5.32
N TRP A 150 -40.94 -0.64 5.29
CA TRP A 150 -39.53 -1.02 5.38
C TRP A 150 -39.18 -1.47 6.80
N ARG A 151 -39.97 -1.05 7.77
CA ARG A 151 -39.75 -1.47 9.15
C ARG A 151 -40.64 -2.63 9.54
N SER A 152 -41.56 -3.04 8.67
CA SER A 152 -42.31 -4.27 8.90
C SER A 152 -41.80 -5.43 8.05
N GLU A 153 -41.30 -5.14 6.85
CA GLU A 153 -40.72 -6.20 6.03
C GLU A 153 -39.29 -6.48 6.45
N VAL A 154 -38.40 -5.50 6.31
CA VAL A 154 -37.00 -5.66 6.67
C VAL A 154 -36.80 -5.58 8.18
N GLY A 155 -37.72 -4.89 8.88
CA GLY A 155 -37.58 -4.72 10.32
C GLY A 155 -37.83 -6.01 11.10
N LYS A 156 -38.77 -6.83 10.64
CA LYS A 156 -39.00 -8.11 11.30
C LYS A 156 -37.90 -9.11 10.98
N GLN A 157 -37.41 -9.10 9.74
CA GLN A 157 -36.49 -10.15 9.28
C GLN A 157 -35.09 -9.96 9.86
N LEU A 158 -34.83 -8.83 10.51
CA LEU A 158 -33.51 -8.64 11.10
C LEU A 158 -33.51 -8.81 12.61
N ARG A 159 -34.68 -8.84 13.25
CA ARG A 159 -34.73 -8.87 14.71
C ARG A 159 -34.20 -10.16 15.33
N PRO A 160 -34.60 -11.38 14.91
CA PRO A 160 -33.93 -12.56 15.51
C PRO A 160 -32.49 -12.71 15.08
N LEU A 161 -32.10 -12.09 13.96
CA LEU A 161 -30.70 -12.06 13.59
C LEU A 161 -29.92 -11.11 14.49
N TYR A 162 -30.51 -9.95 14.79
CA TYR A 162 -29.77 -8.94 15.53
C TYR A 162 -29.67 -9.29 17.00
N GLU A 163 -30.57 -10.15 17.48
CA GLU A 163 -30.42 -10.73 18.82
C GLU A 163 -29.16 -11.58 18.89
N GLU A 164 -28.94 -12.45 17.91
CA GLU A 164 -27.77 -13.30 17.91
C GLU A 164 -26.52 -12.53 17.50
N TYR A 165 -26.71 -11.43 16.77
CA TYR A 165 -25.60 -10.56 16.38
C TYR A 165 -24.95 -9.89 17.60
N VAL A 166 -25.75 -9.57 18.61
CA VAL A 166 -25.18 -8.95 19.81
C VAL A 166 -24.39 -9.97 20.62
N VAL A 167 -24.92 -11.19 20.73
CA VAL A 167 -24.36 -12.19 21.64
C VAL A 167 -23.04 -12.72 21.09
N LEU A 168 -22.96 -12.91 19.77
CA LEU A 168 -21.73 -13.41 19.17
C LEU A 168 -20.63 -12.35 19.20
N LYS A 169 -20.96 -11.10 18.90
CA LYS A 169 -19.93 -10.07 18.79
C LYS A 169 -19.44 -9.62 20.16
N ASN A 170 -20.24 -9.85 21.22
CA ASN A 170 -19.72 -9.65 22.56
C ASN A 170 -18.60 -10.64 22.87
N GLU A 171 -18.84 -11.93 22.61
CA GLU A 171 -17.83 -12.95 22.88
C GLU A 171 -16.66 -12.84 21.91
N MET A 172 -16.89 -12.20 20.76
CA MET A 172 -15.80 -11.75 19.89
C MET A 172 -14.94 -10.72 20.60
N ALA A 173 -15.55 -9.87 21.43
CA ALA A 173 -14.80 -8.78 22.05
C ALA A 173 -14.41 -9.10 23.48
N ARG A 174 -15.20 -9.94 24.16
CA ARG A 174 -14.87 -10.29 25.54
C ARG A 174 -13.67 -11.23 25.59
N ALA A 175 -13.43 -11.97 24.52
CA ALA A 175 -12.20 -12.73 24.41
C ALA A 175 -11.03 -11.86 24.00
N ASN A 176 -11.31 -10.63 23.56
CA ASN A 176 -10.28 -9.66 23.21
C ASN A 176 -9.98 -8.72 24.36
N HIS A 177 -10.38 -9.09 25.57
CA HIS A 177 -10.21 -8.30 26.80
C HIS A 177 -10.92 -6.95 26.72
N TYR A 178 -12.05 -6.90 26.02
CA TYR A 178 -12.92 -5.73 25.98
C TYR A 178 -14.25 -6.06 26.64
N GLU A 179 -14.79 -5.08 27.37
CA GLU A 179 -15.93 -5.36 28.24
C GLU A 179 -17.23 -5.62 27.47
N ASP A 180 -17.32 -5.19 26.23
CA ASP A 180 -18.38 -5.56 25.30
C ASP A 180 -17.87 -5.24 23.90
N TYR A 181 -18.77 -5.34 22.92
CA TYR A 181 -18.37 -4.99 21.56
C TYR A 181 -18.51 -3.50 21.31
N GLY A 182 -19.29 -2.80 22.14
CA GLY A 182 -19.30 -1.34 22.08
C GLY A 182 -17.97 -0.76 22.50
N ASP A 183 -17.24 -1.48 23.36
CA ASP A 183 -15.90 -1.05 23.74
C ASP A 183 -14.89 -1.43 22.66
N TYR A 184 -15.27 -2.32 21.74
CA TYR A 184 -14.37 -2.66 20.64
C TYR A 184 -14.32 -1.53 19.64
N TRP A 185 -15.48 -0.93 19.36
CA TRP A 185 -15.54 0.24 18.48
C TRP A 185 -14.79 1.43 19.07
N ARG A 186 -14.89 1.63 20.38
CA ARG A 186 -14.23 2.78 20.99
C ARG A 186 -12.73 2.61 21.12
N GLY A 187 -12.18 1.47 20.71
CA GLY A 187 -10.75 1.28 20.77
C GLY A 187 -10.00 1.93 19.64
N ASP A 188 -10.71 2.59 18.72
CA ASP A 188 -10.06 3.43 17.73
C ASP A 188 -9.67 4.78 18.32
N TYR A 189 -10.49 5.28 19.24
CA TYR A 189 -10.27 6.55 19.91
C TYR A 189 -9.35 6.43 21.11
N GLU A 190 -8.94 5.22 21.47
CA GLU A 190 -8.14 5.01 22.66
C GLU A 190 -6.71 5.45 22.45
N VAL A 191 -6.17 6.17 23.42
CA VAL A 191 -4.76 6.49 23.48
C VAL A 191 -4.23 5.96 24.81
N ASN A 192 -3.10 5.26 24.77
CA ASN A 192 -2.46 4.76 25.99
C ASN A 192 -0.99 5.12 26.00
N GLY A 193 -0.48 5.40 27.19
CA GLY A 193 0.95 5.48 27.39
C GLY A 193 1.64 6.71 26.87
N VAL A 194 0.90 7.80 26.64
CA VAL A 194 1.50 9.10 26.33
C VAL A 194 0.94 10.06 27.38
N ASP A 195 1.83 10.57 28.25
CA ASP A 195 1.39 11.38 29.37
C ASP A 195 0.88 12.74 28.91
N GLY A 196 -0.25 13.16 29.47
CA GLY A 196 -0.92 14.35 29.02
C GLY A 196 -1.76 14.16 27.77
N TYR A 197 -1.74 12.98 27.17
CA TYR A 197 -2.49 12.72 25.95
C TYR A 197 -3.27 11.43 26.01
N ASP A 198 -3.24 10.69 27.12
CA ASP A 198 -3.96 9.45 27.24
C ASP A 198 -5.47 9.68 27.18
N TYR A 199 -6.20 8.66 26.75
CA TYR A 199 -7.62 8.80 26.51
C TYR A 199 -8.21 7.43 26.68
N SER A 200 -8.96 7.22 27.76
CA SER A 200 -9.56 5.91 27.99
C SER A 200 -10.73 5.70 27.03
N ARG A 201 -11.12 4.44 26.89
CA ARG A 201 -12.23 4.13 26.00
C ARG A 201 -13.56 4.57 26.59
N GLY A 202 -13.61 4.75 27.91
CA GLY A 202 -14.79 5.30 28.55
C GLY A 202 -14.79 6.81 28.67
N GLN A 203 -13.66 7.45 28.36
CA GLN A 203 -13.60 8.90 28.29
C GLN A 203 -14.42 9.43 27.12
N LEU A 204 -14.57 8.61 26.08
CA LEU A 204 -15.38 8.97 24.92
C LEU A 204 -16.83 9.19 25.29
N ILE A 205 -17.40 8.25 26.05
CA ILE A 205 -18.78 8.38 26.55
C ILE A 205 -18.88 9.60 27.46
N GLU A 206 -17.81 9.93 28.16
CA GLU A 206 -17.78 11.14 28.97
C GLU A 206 -17.72 12.39 28.10
N ASP A 207 -17.21 12.28 26.87
CA ASP A 207 -17.17 13.44 25.99
C ASP A 207 -18.42 13.56 25.14
N VAL A 208 -18.84 12.46 24.51
CA VAL A 208 -19.94 12.51 23.55
C VAL A 208 -21.26 12.83 24.26
N GLU A 209 -21.37 12.47 25.54
CA GLU A 209 -22.53 12.92 26.31
C GLU A 209 -22.36 14.39 26.71
N HIS A 210 -21.13 14.85 26.88
CA HIS A 210 -20.91 16.22 27.34
CA HIS A 210 -20.91 16.22 27.34
C HIS A 210 -21.08 17.23 26.20
N THR A 211 -20.48 16.94 25.04
CA THR A 211 -20.55 17.87 23.92
C THR A 211 -21.95 17.99 23.36
N PHE A 212 -22.78 16.97 23.54
CA PHE A 212 -24.13 17.04 23.01
C PHE A 212 -25.02 17.92 23.87
N GLU A 213 -24.62 18.17 25.13
CA GLU A 213 -25.44 19.00 26.00
C GLU A 213 -25.38 20.47 25.61
N GLU A 214 -24.38 20.85 24.79
CA GLU A 214 -24.28 22.23 24.35
C GLU A 214 -24.73 22.42 22.90
N ILE A 215 -25.02 21.35 22.18
CA ILE A 215 -25.71 21.49 20.91
C ILE A 215 -27.21 21.63 21.15
N LYS A 216 -27.70 21.10 22.27
CA LYS A 216 -29.10 21.26 22.67
C LYS A 216 -29.63 22.70 22.72
N PRO A 217 -28.85 23.75 22.99
CA PRO A 217 -29.37 25.08 22.65
C PRO A 217 -29.56 25.30 21.17
N LEU A 218 -28.62 24.87 20.32
CA LEU A 218 -28.76 25.11 18.88
C LEU A 218 -29.83 24.21 18.28
N TYR A 219 -29.86 22.95 18.70
CA TYR A 219 -30.73 21.99 18.04
C TYR A 219 -32.19 22.18 18.40
N GLU A 220 -32.48 22.53 19.66
CA GLU A 220 -33.87 22.61 20.09
C GLU A 220 -34.57 23.84 19.52
N HIS A 221 -33.81 24.82 19.04
CA HIS A 221 -34.41 25.86 18.22
C HIS A 221 -34.55 25.42 16.77
N LEU A 222 -33.58 24.65 16.27
CA LEU A 222 -33.70 24.06 14.94
C LEU A 222 -34.83 23.05 14.90
N HIS A 223 -35.03 22.33 16.00
CA HIS A 223 -36.17 21.43 16.11
C HIS A 223 -37.47 22.21 16.24
N ALA A 224 -37.41 23.42 16.81
CA ALA A 224 -38.63 24.20 16.95
C ALA A 224 -39.02 24.86 15.64
N TYR A 225 -38.03 25.38 14.91
CA TYR A 225 -38.32 26.09 13.66
C TYR A 225 -38.80 25.15 12.57
N VAL A 226 -38.19 23.97 12.47
CA VAL A 226 -38.61 22.99 11.46
C VAL A 226 -40.00 22.46 11.79
N ARG A 227 -40.30 22.26 13.08
CA ARG A 227 -41.63 21.84 13.49
C ARG A 227 -42.65 22.95 13.23
N ALA A 228 -42.23 24.21 13.33
CA ALA A 228 -43.14 25.32 13.07
C ALA A 228 -43.47 25.42 11.59
N LYS A 229 -42.51 25.10 10.72
CA LYS A 229 -42.77 25.16 9.29
C LYS A 229 -43.47 23.91 8.80
N LEU A 230 -43.29 22.79 9.48
CA LEU A 230 -43.95 21.56 9.06
C LEU A 230 -45.31 21.39 9.71
N MET A 231 -45.59 22.16 10.76
CA MET A 231 -46.98 22.26 11.20
C MET A 231 -47.82 23.00 10.17
N ASN A 232 -47.19 23.92 9.42
CA ASN A 232 -47.90 24.63 8.37
C ASN A 232 -48.16 23.75 7.16
N ALA A 233 -47.26 22.79 6.89
CA ALA A 233 -47.40 21.94 5.72
C ALA A 233 -48.04 20.60 6.05
N TYR A 234 -48.28 20.31 7.32
CA TYR A 234 -48.94 19.09 7.76
C TYR A 234 -49.84 19.43 8.93
N PRO A 235 -51.00 20.05 8.66
CA PRO A 235 -51.72 20.76 9.73
C PRO A 235 -52.41 19.86 10.73
N SER A 236 -53.03 18.77 10.29
CA SER A 236 -53.73 17.88 11.21
C SER A 236 -52.85 16.79 11.78
N TYR A 237 -51.52 16.93 11.71
CA TYR A 237 -50.66 15.81 12.04
C TYR A 237 -49.52 16.13 12.99
N ILE A 238 -49.12 17.38 13.13
CA ILE A 238 -47.98 17.73 13.98
C ILE A 238 -48.43 18.69 15.07
N SER A 239 -48.19 18.31 16.32
CA SER A 239 -48.46 19.12 17.50
C SER A 239 -47.56 20.35 17.51
N PRO A 240 -48.03 21.48 18.05
CA PRO A 240 -47.16 22.65 18.19
C PRO A 240 -46.14 22.52 19.31
N ILE A 241 -46.36 21.62 20.28
CA ILE A 241 -45.44 21.43 21.39
C ILE A 241 -44.88 20.01 21.45
N GLY A 242 -45.41 19.09 20.65
CA GLY A 242 -44.97 17.71 20.68
C GLY A 242 -43.71 17.48 19.86
N CYS A 243 -43.44 16.21 19.61
CA CYS A 243 -42.28 15.82 18.82
C CYS A 243 -42.65 15.76 17.33
N LEU A 244 -41.66 15.43 16.52
CA LEU A 244 -41.88 15.28 15.08
C LEU A 244 -42.23 13.82 14.76
N PRO A 245 -43.08 13.58 13.77
CA PRO A 245 -43.20 12.22 13.24
C PRO A 245 -41.92 11.81 12.54
N ALA A 246 -41.64 10.50 12.59
CA ALA A 246 -40.36 10.01 12.08
C ALA A 246 -40.30 10.01 10.56
N HIS A 247 -41.45 9.89 9.91
CA HIS A 247 -41.46 9.80 8.46
C HIS A 247 -41.49 11.14 7.77
N LEU A 248 -41.44 12.25 8.51
CA LEU A 248 -41.47 13.58 7.95
C LEU A 248 -40.10 14.24 8.09
N LEU A 249 -39.03 13.45 8.00
CA LEU A 249 -37.70 13.90 8.35
C LEU A 249 -36.72 13.87 7.19
N GLY A 250 -37.18 13.90 5.96
CA GLY A 250 -36.29 14.01 4.82
C GLY A 250 -35.85 12.71 4.21
N ASP A 251 -35.76 11.63 5.00
CA ASP A 251 -35.51 10.31 4.45
C ASP A 251 -36.16 9.28 5.36
N MET A 252 -35.74 8.02 5.19
CA MET A 252 -36.35 6.89 5.89
C MET A 252 -36.16 6.95 7.40
N TRP A 253 -35.01 7.42 7.87
CA TRP A 253 -34.66 7.27 9.27
C TRP A 253 -34.61 8.58 10.03
N GLY A 254 -34.45 9.71 9.35
CA GLY A 254 -34.14 10.94 10.04
C GLY A 254 -32.67 11.14 10.26
N ARG A 255 -31.83 10.55 9.40
CA ARG A 255 -30.40 10.80 9.50
C ARG A 255 -30.07 12.23 9.09
N PHE A 256 -30.37 12.59 7.85
CA PHE A 256 -30.20 13.96 7.39
C PHE A 256 -31.57 14.61 7.27
N TRP A 257 -31.58 15.93 7.34
CA TRP A 257 -32.77 16.71 7.08
C TRP A 257 -32.64 17.62 5.88
N THR A 258 -31.68 17.33 4.99
CA THR A 258 -31.37 18.18 3.84
C THR A 258 -32.56 18.27 2.89
N ASN A 259 -33.34 17.21 2.83
CA ASN A 259 -34.53 17.16 1.99
C ASN A 259 -35.68 17.98 2.54
N LEU A 260 -35.59 18.46 3.78
CA LEU A 260 -36.58 19.39 4.31
C LEU A 260 -36.22 20.85 4.06
N TYR A 261 -35.25 21.13 3.19
CA TYR A 261 -34.88 22.51 2.92
C TYR A 261 -35.95 23.24 2.14
N SER A 262 -36.67 22.52 1.28
CA SER A 262 -37.71 23.15 0.47
C SER A 262 -38.91 23.53 1.32
N LEU A 263 -39.36 22.63 2.18
CA LEU A 263 -40.52 22.88 3.02
C LEU A 263 -40.27 23.89 4.12
N THR A 264 -39.02 24.02 4.58
CA THR A 264 -38.69 24.86 5.72
C THR A 264 -37.70 25.96 5.39
N VAL A 265 -37.73 26.51 4.18
CA VAL A 265 -36.77 27.49 3.70
C VAL A 265 -36.96 28.79 4.49
N PRO A 266 -35.87 29.50 4.85
CA PRO A 266 -36.02 30.79 5.54
C PRO A 266 -36.66 31.87 4.68
N PHE A 267 -36.05 32.13 3.53
CA PHE A 267 -36.44 33.22 2.65
C PHE A 267 -36.75 32.61 1.29
N GLY A 268 -38.00 32.20 1.10
CA GLY A 268 -38.43 31.41 -0.03
C GLY A 268 -38.40 32.10 -1.38
N GLN A 269 -38.20 33.42 -1.41
CA GLN A 269 -38.10 34.14 -2.67
C GLN A 269 -36.68 34.59 -2.97
N LYS A 270 -35.77 34.50 -2.02
CA LYS A 270 -34.38 34.78 -2.32
C LYS A 270 -33.78 33.64 -3.14
N PRO A 271 -32.88 33.96 -4.07
CA PRO A 271 -32.24 32.90 -4.86
C PRO A 271 -31.20 32.16 -4.05
N ASN A 272 -31.22 30.83 -4.15
CA ASN A 272 -30.18 30.01 -3.57
C ASN A 272 -28.94 30.10 -4.45
N ILE A 273 -27.77 30.07 -3.83
CA ILE A 273 -26.54 30.13 -4.60
C ILE A 273 -26.31 28.80 -5.27
N ASP A 274 -26.40 28.77 -6.59
CA ASP A 274 -26.26 27.55 -7.36
C ASP A 274 -25.51 27.92 -8.64
N VAL A 275 -24.27 27.49 -8.74
CA VAL A 275 -23.45 27.83 -9.90
C VAL A 275 -23.45 26.68 -10.88
N THR A 276 -24.46 25.82 -10.80
CA THR A 276 -24.65 24.76 -11.79
C THR A 276 -24.83 25.34 -13.18
N ASP A 277 -25.58 26.43 -13.29
CA ASP A 277 -25.88 27.02 -14.58
C ASP A 277 -24.67 27.74 -15.16
N ALA A 278 -23.81 28.29 -14.28
CA ALA A 278 -22.65 29.02 -14.78
C ALA A 278 -21.55 28.06 -15.22
N MET A 279 -21.53 26.85 -14.67
CA MET A 279 -20.58 25.84 -15.13
C MET A 279 -20.99 25.32 -16.50
N VAL A 280 -22.30 25.26 -16.76
CA VAL A 280 -22.78 24.87 -18.08
C VAL A 280 -22.50 25.98 -19.08
N ASP A 281 -22.73 27.24 -18.69
CA ASP A 281 -22.55 28.36 -19.61
C ASP A 281 -21.09 28.61 -19.92
N GLN A 282 -20.20 28.33 -18.97
CA GLN A 282 -18.78 28.37 -19.24
C GLN A 282 -18.25 27.07 -19.81
N ALA A 283 -19.13 26.08 -20.01
CA ALA A 283 -18.85 24.81 -20.67
C ALA A 283 -17.75 24.03 -19.96
N TRP A 284 -17.87 23.91 -18.64
CA TRP A 284 -16.93 23.09 -17.90
C TRP A 284 -17.30 21.62 -18.00
N ASP A 285 -16.27 20.79 -18.14
CA ASP A 285 -16.37 19.35 -18.09
C ASP A 285 -15.80 18.87 -16.76
N ALA A 286 -15.85 17.56 -16.52
CA ALA A 286 -15.41 17.02 -15.24
C ALA A 286 -13.89 17.09 -15.09
N GLN A 287 -13.18 17.25 -16.21
CA GLN A 287 -11.74 17.52 -16.13
C GLN A 287 -11.49 18.89 -15.52
N ARG A 288 -12.32 19.87 -15.89
CA ARG A 288 -12.11 21.24 -15.41
C ARG A 288 -12.47 21.37 -13.93
N ILE A 289 -13.44 20.58 -13.47
CA ILE A 289 -13.88 20.62 -12.07
C ILE A 289 -12.76 20.15 -11.16
N PHE A 290 -11.92 19.25 -11.67
CA PHE A 290 -10.82 18.70 -10.88
C PHE A 290 -9.54 19.49 -11.08
N LYS A 291 -9.40 20.22 -12.18
CA LYS A 291 -8.28 21.13 -12.31
C LYS A 291 -8.46 22.36 -11.41
N GLU A 292 -9.71 22.74 -11.16
CA GLU A 292 -9.94 23.84 -10.22
C GLU A 292 -9.82 23.35 -8.78
N ALA A 293 -10.09 22.07 -8.55
CA ALA A 293 -9.93 21.51 -7.22
C ALA A 293 -8.48 21.28 -6.90
N GLU A 294 -7.68 20.92 -7.89
CA GLU A 294 -6.23 20.87 -7.73
C GLU A 294 -5.66 22.25 -7.37
N LYS A 295 -6.14 23.29 -8.05
CA LYS A 295 -5.60 24.63 -7.86
C LYS A 295 -6.06 25.21 -6.53
N PHE A 296 -7.14 24.66 -5.96
CA PHE A 296 -7.50 24.98 -4.59
C PHE A 296 -6.43 24.54 -3.61
N PHE A 297 -5.84 23.36 -3.84
CA PHE A 297 -4.84 22.86 -2.90
C PHE A 297 -3.45 23.38 -3.24
N VAL A 298 -3.26 23.89 -4.46
CA VAL A 298 -2.02 24.59 -4.76
C VAL A 298 -1.98 25.92 -4.01
N SER A 299 -3.15 26.55 -3.85
CA SER A 299 -3.24 27.84 -3.17
C SER A 299 -2.87 27.75 -1.69
N VAL A 300 -3.24 26.67 -1.01
CA VAL A 300 -2.91 26.50 0.39
C VAL A 300 -1.56 25.81 0.59
N GLY A 301 -0.75 25.71 -0.45
CA GLY A 301 0.58 25.17 -0.32
C GLY A 301 0.68 23.67 -0.25
N LEU A 302 -0.47 22.94 -0.15
CA LEU A 302 -0.49 21.49 -0.24
C LEU A 302 0.01 21.04 -1.60
N PRO A 303 0.64 19.88 -1.72
CA PRO A 303 1.11 19.43 -3.03
C PRO A 303 -0.04 19.05 -3.93
N ASN A 304 0.10 19.43 -5.20
CA ASN A 304 -0.88 19.10 -6.23
C ASN A 304 -0.88 17.60 -6.52
N MET A 305 -1.87 17.19 -7.32
CA MET A 305 -2.07 15.79 -7.66
C MET A 305 -0.90 15.22 -8.43
N THR A 306 -0.60 13.96 -8.15
CA THR A 306 0.40 13.24 -8.91
C THR A 306 -0.07 13.04 -10.35
N GLN A 307 0.88 12.75 -11.24
CA GLN A 307 0.55 12.53 -12.64
C GLN A 307 -0.25 11.25 -12.79
N GLY A 308 -0.08 10.30 -11.87
CA GLY A 308 -0.86 9.08 -11.91
C GLY A 308 -2.28 9.28 -11.42
N PHE A 309 -2.61 10.46 -10.90
CA PHE A 309 -4.01 10.73 -10.57
C PHE A 309 -4.81 11.03 -11.81
N TRP A 310 -4.21 11.68 -12.79
CA TRP A 310 -4.97 12.10 -13.96
C TRP A 310 -5.06 10.98 -14.98
N GLU A 311 -3.98 10.20 -15.11
CA GLU A 311 -3.93 9.12 -16.08
C GLU A 311 -4.87 7.98 -15.71
N ASN A 312 -5.05 7.73 -14.41
CA ASN A 312 -5.58 6.46 -13.96
C ASN A 312 -6.96 6.52 -13.34
N SER A 313 -7.41 7.70 -12.90
CA SER A 313 -8.68 7.78 -12.20
C SER A 313 -9.84 7.75 -13.19
N MET A 314 -11.02 7.44 -12.65
CA MET A 314 -12.28 7.60 -13.36
C MET A 314 -12.89 8.93 -12.94
N LEU A 315 -12.87 9.89 -13.85
CA LEU A 315 -13.39 11.22 -13.56
C LEU A 315 -14.72 11.48 -14.24
N THR A 316 -15.03 10.74 -15.31
CA THR A 316 -16.31 10.81 -16.01
C THR A 316 -16.89 9.42 -16.09
N ASP A 317 -18.22 9.34 -16.20
CA ASP A 317 -18.91 8.09 -16.46
C ASP A 317 -18.56 7.59 -17.85
N PRO A 318 -17.85 6.47 -17.99
CA PRO A 318 -17.32 6.08 -19.30
C PRO A 318 -18.36 5.49 -20.24
N GLY A 319 -19.35 6.28 -20.63
CA GLY A 319 -20.37 5.80 -21.53
C GLY A 319 -21.37 4.90 -20.85
N ASN A 320 -22.07 4.12 -21.67
CA ASN A 320 -23.10 3.20 -21.19
C ASN A 320 -22.72 1.75 -21.43
N VAL A 321 -21.55 1.50 -22.04
CA VAL A 321 -21.14 0.13 -22.36
C VAL A 321 -20.79 -0.63 -21.09
N GLN A 322 -19.82 -0.11 -20.32
CA GLN A 322 -19.45 -0.71 -19.06
C GLN A 322 -20.11 0.05 -17.92
N LYS A 323 -20.40 -0.67 -16.84
CA LYS A 323 -21.03 -0.09 -15.67
C LYS A 323 -20.02 0.05 -14.54
N ALA A 324 -20.15 1.15 -13.79
CA ALA A 324 -19.31 1.44 -12.65
C ALA A 324 -20.18 1.80 -11.46
N VAL A 325 -19.67 1.52 -10.26
CA VAL A 325 -20.37 1.88 -9.03
C VAL A 325 -20.05 3.35 -8.79
N CYS A 326 -20.97 4.22 -9.15
CA CYS A 326 -20.70 5.65 -9.25
C CYS A 326 -20.77 6.40 -7.92
N HIS A 327 -20.63 5.72 -6.80
CA HIS A 327 -20.46 6.44 -5.54
C HIS A 327 -19.09 7.08 -5.52
N PRO A 328 -18.99 8.38 -5.19
CA PRO A 328 -17.67 9.03 -5.19
C PRO A 328 -16.83 8.56 -4.01
N THR A 329 -15.84 7.72 -4.30
CA THR A 329 -14.90 7.27 -3.28
C THR A 329 -13.50 7.70 -3.68
N ALA A 330 -12.66 7.93 -2.70
CA ALA A 330 -11.27 8.28 -2.93
C ALA A 330 -10.40 7.07 -2.64
N TRP A 331 -9.66 6.64 -3.66
CA TRP A 331 -8.93 5.38 -3.61
C TRP A 331 -7.46 5.61 -3.35
N ASP A 332 -7.02 5.29 -2.15
CA ASP A 332 -5.61 5.05 -1.86
C ASP A 332 -5.40 3.57 -2.13
N LEU A 333 -4.86 3.26 -3.30
CA LEU A 333 -4.42 1.91 -3.58
C LEU A 333 -3.09 1.59 -2.93
N GLY A 334 -2.43 2.57 -2.33
CA GLY A 334 -1.08 2.40 -1.88
C GLY A 334 -0.10 2.63 -3.00
N LYS A 335 1.16 2.80 -2.60
CA LYS A 335 2.30 2.87 -3.50
C LYS A 335 2.24 4.05 -4.46
N GLY A 336 1.74 5.19 -3.99
CA GLY A 336 1.76 6.37 -4.81
C GLY A 336 0.69 6.44 -5.88
N ASP A 337 -0.12 5.40 -6.00
CA ASP A 337 -1.23 5.37 -6.94
C ASP A 337 -2.47 5.87 -6.20
N PHE A 338 -2.75 7.16 -6.33
CA PHE A 338 -3.90 7.78 -5.67
C PHE A 338 -4.94 8.09 -6.72
N ARG A 339 -6.17 7.66 -6.48
CA ARG A 339 -7.21 7.72 -7.48
C ARG A 339 -8.52 8.18 -6.86
N ILE A 340 -9.33 8.89 -7.64
CA ILE A 340 -10.72 9.14 -7.31
C ILE A 340 -11.60 8.47 -8.34
N LEU A 341 -12.44 7.56 -7.88
CA LEU A 341 -13.44 6.93 -8.73
C LEU A 341 -14.73 7.70 -8.56
N MET A 342 -15.04 8.56 -9.53
CA MET A 342 -16.21 9.42 -9.40
C MET A 342 -16.87 9.55 -10.76
N CYS A 343 -18.19 9.34 -10.80
CA CYS A 343 -18.99 9.63 -11.99
C CYS A 343 -19.50 11.05 -11.87
N THR A 344 -18.63 11.99 -12.24
CA THR A 344 -18.92 13.41 -12.02
C THR A 344 -19.89 13.94 -13.06
N LYS A 345 -21.04 14.40 -12.61
CA LYS A 345 -21.93 15.24 -13.41
C LYS A 345 -21.54 16.69 -13.18
N VAL A 346 -21.65 17.51 -14.22
CA VAL A 346 -21.22 18.90 -14.07
C VAL A 346 -22.34 19.67 -13.37
N THR A 347 -22.27 19.70 -12.04
CA THR A 347 -23.16 20.51 -11.21
C THR A 347 -22.31 21.19 -10.14
N MET A 348 -23.01 21.82 -9.19
CA MET A 348 -22.32 22.37 -8.03
C MET A 348 -22.13 21.28 -6.96
N ASP A 349 -23.03 20.31 -6.92
CA ASP A 349 -22.93 19.23 -5.94
C ASP A 349 -21.70 18.36 -6.21
N ASP A 350 -21.42 18.09 -7.48
CA ASP A 350 -20.17 17.40 -7.79
C ASP A 350 -19.05 18.38 -8.07
N PHE A 351 -19.26 19.66 -7.75
CA PHE A 351 -18.15 20.58 -7.55
C PHE A 351 -17.74 20.61 -6.09
N LEU A 352 -18.68 20.34 -5.19
CA LEU A 352 -18.35 20.28 -3.77
C LEU A 352 -17.72 18.94 -3.42
N THR A 353 -18.24 17.85 -3.99
CA THR A 353 -17.67 16.53 -3.74
C THR A 353 -16.34 16.40 -4.50
N ALA A 354 -16.13 17.26 -5.49
CA ALA A 354 -14.84 17.38 -6.16
C ALA A 354 -13.73 17.76 -5.19
N HIS A 355 -14.01 18.71 -4.31
CA HIS A 355 -12.99 19.12 -3.34
C HIS A 355 -13.00 18.20 -2.14
N HIS A 356 -14.13 17.54 -1.89
CA HIS A 356 -14.24 16.63 -0.75
C HIS A 356 -13.39 15.38 -0.96
N GLU A 357 -13.60 14.66 -2.06
CA GLU A 357 -12.90 13.41 -2.27
C GLU A 357 -11.44 13.65 -2.63
N MET A 358 -11.11 14.82 -3.16
CA MET A 358 -9.70 15.14 -3.34
C MET A 358 -9.07 15.53 -2.00
N GLY A 359 -9.90 15.96 -1.05
CA GLY A 359 -9.41 16.21 0.30
C GLY A 359 -8.94 14.95 0.98
N HIS A 360 -9.59 13.82 0.69
CA HIS A 360 -9.11 12.53 1.19
C HIS A 360 -7.80 12.17 0.51
N ILE A 361 -7.66 12.51 -0.77
CA ILE A 361 -6.44 12.21 -1.51
C ILE A 361 -5.31 13.09 -1.04
N GLN A 362 -5.58 14.39 -0.82
CA GLN A 362 -4.60 15.24 -0.14
C GLN A 362 -4.30 14.76 1.27
N TYR A 363 -5.26 14.10 1.90
CA TYR A 363 -4.97 13.53 3.20
C TYR A 363 -4.09 12.30 3.06
N ASP A 364 -4.39 11.43 2.09
CA ASP A 364 -3.67 10.17 1.95
C ASP A 364 -2.27 10.37 1.38
N MET A 365 -2.06 11.46 0.64
CA MET A 365 -0.73 11.71 0.09
C MET A 365 0.24 12.16 1.16
N ALA A 366 -0.27 12.72 2.26
CA ALA A 366 0.60 13.35 3.23
C ALA A 366 1.28 12.32 4.13
N TYR A 367 0.61 11.22 4.43
CA TYR A 367 1.20 10.16 5.23
C TYR A 367 1.58 8.93 4.42
N ALA A 368 1.98 9.11 3.16
CA ALA A 368 2.58 8.00 2.43
C ALA A 368 3.97 7.69 2.94
N ALA A 369 4.60 8.64 3.63
CA ALA A 369 5.88 8.39 4.29
C ALA A 369 5.74 7.49 5.51
N GLN A 370 4.55 7.38 6.08
CA GLN A 370 4.35 6.52 7.23
C GLN A 370 4.37 5.05 6.80
N PRO A 371 4.81 4.14 7.68
CA PRO A 371 4.68 2.72 7.39
C PRO A 371 3.23 2.27 7.43
N PHE A 372 3.00 1.03 6.97
CA PHE A 372 1.71 0.64 6.40
C PHE A 372 0.58 0.64 7.41
N LEU A 373 0.84 0.21 8.64
CA LEU A 373 -0.23 0.20 9.63
C LEU A 373 -0.47 1.58 10.21
N LEU A 374 0.39 2.55 9.89
CA LEU A 374 0.17 3.94 10.26
C LEU A 374 -0.33 4.77 9.09
N ARG A 375 -0.80 4.13 8.03
CA ARG A 375 -1.34 4.83 6.87
C ARG A 375 -2.85 4.83 6.96
N ASN A 376 -3.36 5.68 7.85
CA ASN A 376 -4.79 5.84 8.08
C ASN A 376 -4.96 7.18 8.78
N GLY A 377 -6.22 7.59 8.96
CA GLY A 377 -6.50 8.72 9.82
C GLY A 377 -6.08 8.45 11.25
N ALA A 378 -5.83 9.53 12.00
CA ALA A 378 -5.36 9.38 13.38
C ALA A 378 -6.47 8.84 14.27
N ASN A 379 -7.72 9.05 13.88
CA ASN A 379 -8.80 8.20 14.33
C ASN A 379 -9.71 7.92 13.15
N GLU A 380 -10.89 7.39 13.44
CA GLU A 380 -11.85 7.10 12.38
C GLU A 380 -12.55 8.38 11.90
N GLY A 381 -12.39 9.48 12.63
CA GLY A 381 -13.11 10.69 12.32
C GLY A 381 -12.33 11.79 11.63
N PHE A 382 -11.00 11.72 11.60
CA PHE A 382 -10.25 12.77 10.91
C PHE A 382 -10.37 12.66 9.41
N HIS A 383 -10.45 11.43 8.89
CA HIS A 383 -10.27 11.18 7.47
C HIS A 383 -11.43 11.75 6.68
N GLU A 384 -12.65 11.64 7.21
CA GLU A 384 -13.81 12.22 6.55
C GLU A 384 -13.94 13.69 6.93
N ALA A 385 -13.17 14.16 7.92
CA ALA A 385 -13.27 15.56 8.31
C ALA A 385 -12.31 16.44 7.54
N VAL A 386 -11.18 15.89 7.11
CA VAL A 386 -10.24 16.66 6.30
C VAL A 386 -10.83 16.93 4.92
N GLY A 387 -11.61 15.98 4.39
CA GLY A 387 -12.25 16.20 3.12
C GLY A 387 -13.39 17.21 3.18
N GLU A 388 -14.12 17.23 4.30
CA GLU A 388 -15.31 18.07 4.39
C GLU A 388 -14.97 19.53 4.61
N ILE A 389 -13.83 19.84 5.24
CA ILE A 389 -13.49 21.26 5.40
C ILE A 389 -13.04 21.84 4.06
N MET A 390 -12.66 20.98 3.12
CA MET A 390 -12.32 21.47 1.80
C MET A 390 -13.57 21.71 0.98
N SER A 391 -14.71 21.20 1.44
CA SER A 391 -15.96 21.46 0.75
C SER A 391 -16.69 22.65 1.34
N LEU A 392 -16.44 22.96 2.62
CA LEU A 392 -16.97 24.19 3.19
C LEU A 392 -16.20 25.41 2.67
N SER A 393 -14.91 25.24 2.42
CA SER A 393 -14.09 26.34 1.94
C SER A 393 -14.28 26.58 0.45
N ALA A 394 -14.84 25.61 -0.25
CA ALA A 394 -15.18 25.81 -1.66
C ALA A 394 -16.61 26.28 -1.84
N ALA A 395 -17.49 26.02 -0.88
CA ALA A 395 -18.88 26.45 -0.97
C ALA A 395 -19.08 27.91 -0.63
N THR A 396 -18.03 28.62 -0.21
CA THR A 396 -18.18 30.01 0.17
C THR A 396 -18.37 30.87 -1.08
N PRO A 397 -19.20 31.92 -0.98
CA PRO A 397 -19.36 32.81 -2.13
C PRO A 397 -18.12 33.61 -2.48
N LYS A 398 -17.20 33.78 -1.53
CA LYS A 398 -15.94 34.44 -1.83
C LYS A 398 -15.07 33.57 -2.74
N HIS A 399 -15.19 32.25 -2.59
CA HIS A 399 -14.40 31.36 -3.44
C HIS A 399 -15.00 31.27 -4.84
N LEU A 400 -16.33 31.28 -4.94
CA LEU A 400 -16.99 31.17 -6.24
C LEU A 400 -16.81 32.44 -7.06
N LYS A 401 -16.76 33.60 -6.42
CA LYS A 401 -16.47 34.83 -7.15
C LYS A 401 -15.01 34.88 -7.57
N SER A 402 -14.15 34.13 -6.88
CA SER A 402 -12.73 34.16 -7.20
C SER A 402 -12.43 33.38 -8.48
N ILE A 403 -13.25 32.38 -8.79
CA ILE A 403 -13.04 31.54 -9.96
C ILE A 403 -14.06 31.83 -11.06
N GLY A 404 -14.94 32.80 -10.86
CA GLY A 404 -15.80 33.23 -11.93
C GLY A 404 -17.09 32.46 -12.08
N LEU A 405 -17.42 31.57 -11.15
CA LEU A 405 -18.73 30.93 -11.20
C LEU A 405 -19.83 31.79 -10.62
N LEU A 406 -19.50 32.73 -9.76
CA LEU A 406 -20.45 33.66 -9.21
C LEU A 406 -20.05 35.03 -9.70
N SER A 407 -21.05 35.82 -10.14
CA SER A 407 -20.77 37.09 -10.77
C SER A 407 -20.21 38.08 -9.75
N PRO A 408 -19.30 38.96 -10.16
CA PRO A 408 -18.75 39.93 -9.19
C PRO A 408 -19.76 40.95 -8.72
N ASP A 409 -20.86 41.11 -9.44
CA ASP A 409 -21.96 41.97 -9.03
C ASP A 409 -22.97 41.26 -8.14
N PHE A 410 -22.70 40.03 -7.69
CA PHE A 410 -23.62 39.34 -6.80
C PHE A 410 -23.55 39.97 -5.41
N GLN A 411 -24.70 40.02 -4.75
CA GLN A 411 -24.84 40.70 -3.46
C GLN A 411 -24.92 39.67 -2.35
N GLU A 412 -24.06 39.82 -1.35
CA GLU A 412 -24.18 39.07 -0.10
C GLU A 412 -24.95 39.90 0.90
N ASP A 413 -25.95 39.30 1.54
CA ASP A 413 -26.81 40.03 2.46
C ASP A 413 -27.11 39.15 3.66
N ASN A 414 -28.09 39.59 4.45
CA ASN A 414 -28.54 38.83 5.59
C ASN A 414 -29.28 37.56 5.17
N GLU A 415 -30.02 37.63 4.08
CA GLU A 415 -31.05 36.63 3.82
C GLU A 415 -30.50 35.43 3.05
N THR A 416 -29.45 35.64 2.23
CA THR A 416 -28.86 34.49 1.56
C THR A 416 -28.01 33.67 2.52
N GLU A 417 -27.46 34.30 3.55
CA GLU A 417 -26.64 33.56 4.50
C GLU A 417 -27.48 32.71 5.43
N ILE A 418 -28.64 33.23 5.83
CA ILE A 418 -29.60 32.44 6.62
C ILE A 418 -30.16 31.30 5.78
N ASN A 419 -30.33 31.52 4.47
CA ASN A 419 -30.70 30.43 3.58
C ASN A 419 -29.56 29.42 3.45
N PHE A 420 -28.32 29.88 3.66
CA PHE A 420 -27.18 28.98 3.54
C PHE A 420 -26.98 28.17 4.81
N LEU A 421 -27.01 28.83 5.97
CA LEU A 421 -26.75 28.14 7.22
C LEU A 421 -27.88 27.18 7.60
N LEU A 422 -29.13 27.53 7.24
CA LEU A 422 -30.22 26.62 7.51
C LEU A 422 -30.15 25.42 6.59
N LYS A 423 -29.54 25.57 5.41
CA LYS A 423 -29.28 24.41 4.58
C LYS A 423 -28.16 23.57 5.18
N GLN A 424 -27.23 24.21 5.88
CA GLN A 424 -26.15 23.46 6.52
C GLN A 424 -26.66 22.76 7.78
N ALA A 425 -27.52 23.43 8.55
CA ALA A 425 -27.92 22.90 9.85
C ALA A 425 -28.85 21.71 9.70
N LEU A 426 -29.60 21.63 8.61
CA LEU A 426 -30.40 20.44 8.36
C LEU A 426 -29.52 19.27 7.95
N THR A 427 -28.35 19.57 7.40
CA THR A 427 -27.39 18.52 7.08
C THR A 427 -26.50 18.21 8.27
N ILE A 428 -25.93 19.25 8.87
CA ILE A 428 -24.88 19.06 9.87
C ILE A 428 -25.45 18.97 11.27
N VAL A 429 -26.25 19.96 11.68
CA VAL A 429 -26.78 19.96 13.04
C VAL A 429 -27.90 18.92 13.16
N GLY A 430 -28.57 18.63 12.05
CA GLY A 430 -29.65 17.66 12.09
C GLY A 430 -29.18 16.23 12.27
N THR A 431 -27.97 15.91 11.80
CA THR A 431 -27.48 14.55 11.94
C THR A 431 -26.79 14.29 13.27
N LEU A 432 -26.64 15.31 14.12
CA LEU A 432 -25.93 15.10 15.38
C LEU A 432 -26.77 14.42 16.46
N PRO A 433 -28.05 14.76 16.69
CA PRO A 433 -28.78 13.96 17.68
C PRO A 433 -29.10 12.56 17.23
N PHE A 434 -29.31 12.34 15.93
CA PHE A 434 -29.53 11.00 15.43
C PHE A 434 -28.30 10.12 15.63
N THR A 435 -27.12 10.68 15.39
CA THR A 435 -25.89 9.92 15.56
C THR A 435 -25.61 9.67 17.04
N TYR A 436 -25.98 10.62 17.89
CA TYR A 436 -25.82 10.43 19.33
C TYR A 436 -26.86 9.49 19.90
N MET A 437 -28.08 9.51 19.33
CA MET A 437 -29.11 8.57 19.77
C MET A 437 -28.70 7.14 19.44
N LEU A 438 -28.22 6.93 18.22
CA LEU A 438 -28.04 5.57 17.72
C LEU A 438 -26.83 4.90 18.35
N GLU A 439 -25.78 5.67 18.62
CA GLU A 439 -24.60 5.07 19.21
C GLU A 439 -24.71 4.94 20.73
N LYS A 440 -25.49 5.81 21.36
CA LYS A 440 -25.76 5.59 22.77
C LYS A 440 -26.75 4.44 22.94
N TRP A 441 -27.57 4.19 21.93
CA TRP A 441 -28.44 3.02 21.95
C TRP A 441 -27.62 1.73 21.85
N ARG A 442 -26.70 1.65 20.89
CA ARG A 442 -25.88 0.45 20.73
C ARG A 442 -24.98 0.21 21.92
N TRP A 443 -24.46 1.28 22.53
CA TRP A 443 -23.56 1.14 23.66
C TRP A 443 -24.31 0.69 24.90
N MET A 444 -25.61 0.93 24.95
CA MET A 444 -26.39 0.35 26.04
C MET A 444 -26.94 -1.02 25.67
N VAL A 445 -26.97 -1.34 24.37
CA VAL A 445 -27.27 -2.70 23.95
C VAL A 445 -26.12 -3.64 24.27
N PHE A 446 -24.91 -3.27 23.84
CA PHE A 446 -23.79 -4.22 23.91
C PHE A 446 -23.31 -4.42 25.34
N LYS A 447 -23.40 -3.38 26.16
CA LYS A 447 -23.08 -3.52 27.57
C LYS A 447 -24.15 -4.29 28.32
N GLY A 448 -25.36 -4.38 27.78
CA GLY A 448 -26.43 -5.08 28.45
C GLY A 448 -27.23 -4.23 29.40
N GLU A 449 -27.13 -2.91 29.31
CA GLU A 449 -27.96 -2.04 30.11
C GLU A 449 -29.39 -1.98 29.61
N ILE A 450 -29.64 -2.42 28.38
CA ILE A 450 -31.00 -2.57 27.89
C ILE A 450 -31.29 -4.07 27.78
N PRO A 451 -32.32 -4.58 28.43
CA PRO A 451 -32.71 -5.98 28.22
C PRO A 451 -33.32 -6.16 26.83
N LYS A 452 -33.35 -7.42 26.38
CA LYS A 452 -33.72 -7.69 24.99
C LYS A 452 -35.22 -7.55 24.77
N ASP A 453 -36.01 -7.53 25.84
CA ASP A 453 -37.43 -7.22 25.70
C ASP A 453 -37.72 -5.73 25.67
N GLN A 454 -36.69 -4.89 25.72
CA GLN A 454 -36.87 -3.44 25.75
C GLN A 454 -35.97 -2.72 24.75
N TRP A 455 -35.49 -3.41 23.72
CA TRP A 455 -34.71 -2.72 22.68
C TRP A 455 -35.59 -1.76 21.89
N MET A 456 -36.77 -2.21 21.49
CA MET A 456 -37.71 -1.32 20.81
C MET A 456 -38.31 -0.32 21.78
N LYS A 457 -38.43 -0.70 23.05
CA LYS A 457 -39.03 0.18 24.04
C LYS A 457 -38.11 1.34 24.38
N LYS A 458 -36.84 1.04 24.65
CA LYS A 458 -35.91 2.10 25.07
C LYS A 458 -35.50 2.96 23.88
N TRP A 459 -35.60 2.41 22.66
CA TRP A 459 -35.31 3.16 21.43
C TRP A 459 -36.17 4.41 21.31
N TRP A 460 -37.48 4.25 21.31
CA TRP A 460 -38.35 5.40 21.16
C TRP A 460 -38.48 6.19 22.45
N GLU A 461 -37.95 5.66 23.57
CA GLU A 461 -37.76 6.51 24.74
C GLU A 461 -36.51 7.35 24.60
N MET A 462 -35.52 6.88 23.84
CA MET A 462 -34.37 7.72 23.52
C MET A 462 -34.71 8.74 22.44
N LYS A 463 -35.63 8.40 21.53
CA LYS A 463 -36.05 9.31 20.48
C LYS A 463 -36.79 10.50 21.07
N ARG A 464 -37.73 10.25 21.98
CA ARG A 464 -38.53 11.31 22.55
C ARG A 464 -37.74 12.14 23.54
N GLU A 465 -36.62 11.60 24.03
CA GLU A 465 -35.81 12.33 25.00
C GLU A 465 -34.68 13.08 24.32
N ILE A 466 -33.88 12.39 23.52
CA ILE A 466 -32.70 12.99 22.92
C ILE A 466 -33.04 13.78 21.66
N VAL A 467 -33.60 13.12 20.65
CA VAL A 467 -33.78 13.78 19.36
C VAL A 467 -35.06 14.61 19.32
N GLY A 468 -36.17 14.10 19.83
CA GLY A 468 -37.42 14.81 19.69
C GLY A 468 -38.25 14.33 18.54
N VAL A 469 -38.27 13.02 18.32
CA VAL A 469 -38.98 12.41 17.20
C VAL A 469 -39.87 11.30 17.74
N VAL A 470 -41.16 11.43 17.49
CA VAL A 470 -42.14 10.47 17.98
C VAL A 470 -42.51 9.53 16.84
N GLU A 471 -42.75 8.27 17.16
CA GLU A 471 -43.16 7.32 16.15
C GLU A 471 -44.65 7.47 15.87
N PRO A 472 -45.07 7.39 14.60
CA PRO A 472 -46.50 7.44 14.29
C PRO A 472 -47.24 6.14 14.49
N VAL A 473 -46.54 5.01 14.49
CA VAL A 473 -47.14 3.70 14.73
C VAL A 473 -46.45 3.08 15.94
N PRO A 474 -47.19 2.62 16.94
CA PRO A 474 -46.53 2.00 18.10
C PRO A 474 -45.95 0.64 17.72
N HIS A 475 -44.71 0.41 18.15
CA HIS A 475 -43.97 -0.79 17.77
C HIS A 475 -43.72 -1.65 19.00
N ASP A 476 -44.01 -2.94 18.87
CA ASP A 476 -43.63 -3.93 19.86
C ASP A 476 -42.20 -4.41 19.58
N GLU A 477 -41.79 -5.49 20.23
CA GLU A 477 -40.44 -6.03 20.08
C GLU A 477 -40.27 -6.86 18.81
N THR A 478 -41.33 -7.03 18.02
CA THR A 478 -41.24 -7.79 16.78
C THR A 478 -40.44 -7.07 15.70
N TYR A 479 -40.28 -5.76 15.81
CA TYR A 479 -39.51 -5.01 14.83
C TYR A 479 -38.07 -4.83 15.29
N CYS A 480 -37.22 -4.41 14.34
CA CYS A 480 -35.83 -4.08 14.60
C CYS A 480 -35.54 -2.79 13.82
N ASP A 481 -36.34 -1.75 14.12
CA ASP A 481 -36.19 -0.43 13.51
C ASP A 481 -34.77 0.11 13.34
N PRO A 482 -33.80 -0.08 14.28
CA PRO A 482 -32.43 0.39 13.97
C PRO A 482 -31.77 -0.30 12.80
N ALA A 483 -31.93 -1.62 12.66
CA ALA A 483 -31.23 -2.34 11.62
C ALA A 483 -31.79 -2.08 10.23
N SER A 484 -32.89 -1.34 10.11
CA SER A 484 -33.34 -0.85 8.81
C SER A 484 -32.33 0.08 8.15
N LEU A 485 -31.46 0.73 8.91
CA LEU A 485 -30.41 1.58 8.38
C LEU A 485 -29.29 0.71 7.81
N PHE A 486 -28.51 1.28 6.88
CA PHE A 486 -27.32 0.64 6.37
C PHE A 486 -26.32 0.30 7.47
N HIS A 487 -25.98 1.29 8.30
CA HIS A 487 -24.83 1.14 9.20
C HIS A 487 -25.13 0.23 10.37
N VAL A 488 -26.40 0.06 10.72
CA VAL A 488 -26.71 -0.81 11.85
C VAL A 488 -26.71 -2.26 11.41
N SER A 489 -27.29 -2.54 10.25
CA SER A 489 -27.39 -3.91 9.75
C SER A 489 -26.05 -4.48 9.31
N ASN A 490 -25.12 -3.63 8.87
CA ASN A 490 -23.94 -4.11 8.17
C ASN A 490 -22.67 -3.93 8.98
N ASP A 491 -22.78 -3.84 10.31
CA ASP A 491 -21.66 -3.87 11.25
C ASP A 491 -20.70 -2.70 10.99
N TYR A 492 -21.19 -1.48 11.19
CA TYR A 492 -20.38 -0.28 11.07
C TYR A 492 -20.52 0.57 12.32
N SER A 493 -19.39 1.08 12.80
CA SER A 493 -19.39 2.09 13.85
C SER A 493 -19.95 3.39 13.30
N PHE A 494 -21.00 3.89 13.95
CA PHE A 494 -21.70 5.05 13.44
C PHE A 494 -21.33 6.33 14.17
N ILE A 495 -20.55 6.25 15.25
CA ILE A 495 -20.13 7.44 15.99
C ILE A 495 -19.07 8.21 15.21
N ARG A 496 -18.55 7.65 14.13
CA ARG A 496 -17.63 8.39 13.27
C ARG A 496 -18.34 9.45 12.45
N TYR A 497 -19.66 9.59 12.59
CA TYR A 497 -20.35 10.71 11.97
C TYR A 497 -20.71 11.79 12.98
N TYR A 498 -20.56 11.49 14.27
CA TYR A 498 -20.67 12.53 15.29
C TYR A 498 -19.33 13.26 15.44
N THR A 499 -18.26 12.48 15.65
CA THR A 499 -16.97 13.07 15.97
C THR A 499 -16.38 13.78 14.76
N ARG A 500 -16.65 13.28 13.56
CA ARG A 500 -16.18 13.94 12.34
C ARG A 500 -16.82 15.30 12.17
N THR A 501 -18.06 15.45 12.60
CA THR A 501 -18.73 16.74 12.57
C THR A 501 -18.06 17.72 13.53
N LEU A 502 -17.74 17.28 14.74
CA LEU A 502 -17.22 18.20 15.73
C LEU A 502 -15.73 18.44 15.52
N TYR A 503 -15.12 17.72 14.57
CA TYR A 503 -13.72 17.99 14.22
C TYR A 503 -13.63 18.99 13.09
N GLN A 504 -14.61 18.99 12.18
CA GLN A 504 -14.49 19.79 10.96
C GLN A 504 -14.65 21.27 11.27
N PHE A 505 -15.36 21.61 12.35
CA PHE A 505 -15.48 23.01 12.69
C PHE A 505 -14.35 23.45 13.60
N GLN A 506 -13.74 22.53 14.34
CA GLN A 506 -12.45 22.81 14.93
C GLN A 506 -11.41 23.05 13.85
N PHE A 507 -11.43 22.22 12.80
CA PHE A 507 -10.48 22.36 11.72
C PHE A 507 -10.74 23.63 10.92
N GLN A 508 -12.02 24.05 10.85
CA GLN A 508 -12.32 25.23 10.05
C GLN A 508 -11.92 26.50 10.78
N GLU A 509 -12.27 26.61 12.07
CA GLU A 509 -11.98 27.81 12.83
C GLU A 509 -10.47 27.99 13.04
N ALA A 510 -9.76 26.89 13.31
CA ALA A 510 -8.34 27.00 13.61
C ALA A 510 -7.50 27.09 12.35
N LEU A 511 -8.14 27.11 11.18
CA LEU A 511 -7.41 27.49 9.98
C LEU A 511 -7.88 28.85 9.46
N CYS A 512 -9.13 29.22 9.71
CA CYS A 512 -9.55 30.59 9.46
C CYS A 512 -8.84 31.57 10.38
N GLN A 513 -8.59 31.16 11.62
CA GLN A 513 -7.73 31.93 12.51
C GLN A 513 -6.30 31.96 11.97
N ALA A 514 -5.87 30.87 11.34
CA ALA A 514 -4.56 30.86 10.71
C ALA A 514 -4.55 31.62 9.40
N ALA A 515 -5.71 31.80 8.77
CA ALA A 515 -5.81 32.60 7.55
C ALA A 515 -5.99 34.08 7.85
N LYS A 516 -5.99 34.46 9.13
CA LYS A 516 -6.23 35.82 9.60
C LYS A 516 -7.57 36.36 9.09
N HIS A 517 -8.58 35.50 9.14
CA HIS A 517 -9.89 35.83 8.58
C HIS A 517 -10.61 36.82 9.47
N GLU A 518 -11.28 37.77 8.85
CA GLU A 518 -12.07 38.78 9.55
C GLU A 518 -13.52 38.63 9.12
N GLY A 519 -14.39 38.36 10.08
CA GLY A 519 -15.79 38.16 9.79
C GLY A 519 -16.29 36.84 10.35
N PRO A 520 -17.53 36.49 10.01
CA PRO A 520 -18.12 35.26 10.55
C PRO A 520 -17.46 34.02 9.96
N LEU A 521 -17.68 32.88 10.62
CA LEU A 521 -16.93 31.68 10.29
C LEU A 521 -17.43 31.05 9.00
N HIS A 522 -18.72 31.20 8.69
CA HIS A 522 -19.23 30.57 7.49
C HIS A 522 -18.89 31.35 6.24
N LYS A 523 -18.38 32.57 6.36
CA LYS A 523 -17.93 33.34 5.22
C LYS A 523 -16.44 33.18 4.97
N CYS A 524 -15.87 32.04 5.35
CA CYS A 524 -14.43 31.90 5.36
C CYS A 524 -13.94 30.90 4.33
N ASP A 525 -13.15 31.40 3.38
CA ASP A 525 -12.39 30.56 2.47
C ASP A 525 -10.98 30.46 3.05
N ILE A 526 -10.37 29.29 2.92
CA ILE A 526 -9.00 29.11 3.37
C ILE A 526 -7.98 29.31 2.25
N SER A 527 -8.43 29.74 1.07
CA SER A 527 -7.57 29.76 -0.11
C SER A 527 -6.48 30.82 0.01
N ASN A 528 -5.36 30.57 -0.68
CA ASN A 528 -4.15 31.39 -0.75
C ASN A 528 -3.44 31.59 0.58
N SER A 529 -3.87 30.93 1.65
CA SER A 529 -3.28 31.10 2.97
C SER A 529 -2.45 29.86 3.26
N THR A 530 -1.18 29.88 2.85
CA THR A 530 -0.31 28.74 3.06
C THR A 530 0.04 28.53 4.53
N GLU A 531 -0.10 29.56 5.36
CA GLU A 531 0.07 29.36 6.79
C GLU A 531 -1.11 28.59 7.37
N ALA A 532 -2.28 28.70 6.74
CA ALA A 532 -3.40 27.84 7.09
C ALA A 532 -3.30 26.50 6.39
N GLY A 533 -2.40 26.40 5.41
CA GLY A 533 -2.17 25.11 4.78
C GLY A 533 -1.04 24.34 5.42
N GLN A 534 -0.01 25.04 5.87
CA GLN A 534 1.10 24.37 6.54
C GLN A 534 0.71 23.97 7.95
N LYS A 535 -0.26 24.68 8.54
CA LYS A 535 -0.80 24.26 9.83
C LYS A 535 -1.55 22.95 9.71
N LEU A 536 -2.33 22.79 8.65
CA LEU A 536 -3.13 21.58 8.51
C LEU A 536 -2.25 20.41 8.10
N PHE A 537 -1.28 20.66 7.21
CA PHE A 537 -0.41 19.61 6.68
C PHE A 537 0.46 18.98 7.76
N ASN A 538 0.76 19.73 8.83
CA ASN A 538 1.52 19.14 9.93
C ASN A 538 0.69 18.14 10.73
N MET A 539 -0.63 18.23 10.65
CA MET A 539 -1.49 17.16 11.13
C MET A 539 -1.60 16.03 10.13
N LEU A 540 -1.58 16.37 8.84
CA LEU A 540 -1.90 15.38 7.83
C LEU A 540 -0.74 14.40 7.65
N ARG A 541 0.48 14.87 7.89
CA ARG A 541 1.66 14.04 7.65
C ARG A 541 1.90 13.02 8.74
N LEU A 542 1.17 13.10 9.85
CA LEU A 542 1.40 12.17 10.94
C LEU A 542 0.81 10.79 10.66
N GLY A 543 -0.34 10.75 9.99
CA GLY A 543 -1.05 9.50 9.91
C GLY A 543 -1.66 9.22 11.25
N LYS A 544 -1.38 8.04 11.79
CA LYS A 544 -1.74 7.73 13.17
C LYS A 544 -0.51 7.28 13.96
N SER A 545 0.67 7.74 13.52
CA SER A 545 1.89 7.50 14.28
C SER A 545 1.90 8.25 15.60
N GLU A 546 1.34 9.44 15.63
CA GLU A 546 1.07 10.14 16.87
C GLU A 546 -0.39 9.93 17.22
N PRO A 547 -0.78 10.08 18.49
CA PRO A 547 -2.18 9.90 18.86
C PRO A 547 -3.07 10.96 18.23
N TRP A 548 -4.39 10.71 18.27
CA TRP A 548 -5.29 11.65 17.63
C TRP A 548 -5.44 12.92 18.45
N THR A 549 -5.22 12.84 19.76
CA THR A 549 -5.30 14.04 20.58
C THR A 549 -4.10 14.96 20.35
N LEU A 550 -2.95 14.38 20.00
CA LEU A 550 -1.79 15.20 19.70
C LEU A 550 -1.91 15.81 18.32
N ALA A 551 -2.45 15.05 17.36
CA ALA A 551 -2.66 15.60 16.02
C ALA A 551 -3.77 16.64 16.02
N LEU A 552 -4.72 16.52 16.94
CA LEU A 552 -5.76 17.52 17.04
C LEU A 552 -5.21 18.81 17.63
N GLU A 553 -4.27 18.71 18.58
CA GLU A 553 -3.67 19.91 19.16
C GLU A 553 -2.68 20.54 18.21
N ASN A 554 -2.18 19.79 17.23
CA ASN A 554 -1.32 20.37 16.21
C ASN A 554 -2.09 21.29 15.27
N VAL A 555 -3.41 21.23 15.29
CA VAL A 555 -4.22 22.18 14.54
C VAL A 555 -4.91 23.17 15.47
N VAL A 556 -5.71 22.70 16.43
CA VAL A 556 -6.63 23.58 17.13
C VAL A 556 -6.12 24.01 18.48
N GLY A 557 -5.04 23.41 18.99
CA GLY A 557 -4.55 23.73 20.31
C GLY A 557 -5.34 23.12 21.45
N ALA A 558 -6.35 22.31 21.16
CA ALA A 558 -7.10 21.59 22.17
C ALA A 558 -6.82 20.10 22.05
N LYS A 559 -6.99 19.40 23.16
CA LYS A 559 -6.74 17.96 23.21
C LYS A 559 -8.02 17.15 23.08
N ASN A 560 -9.17 17.81 22.97
CA ASN A 560 -10.43 17.11 23.10
C ASN A 560 -11.40 17.64 22.06
N MET A 561 -12.39 16.81 21.76
CA MET A 561 -13.52 17.21 20.93
C MET A 561 -14.32 18.29 21.65
N ASN A 562 -14.90 19.22 20.89
CA ASN A 562 -15.44 20.45 21.46
C ASN A 562 -16.44 21.06 20.49
N VAL A 563 -17.56 21.57 21.03
CA VAL A 563 -18.61 22.16 20.20
C VAL A 563 -18.56 23.67 20.14
N ARG A 564 -17.66 24.31 20.88
CA ARG A 564 -17.51 25.75 20.77
C ARG A 564 -17.08 26.21 19.37
N PRO A 565 -16.26 25.47 18.60
CA PRO A 565 -16.17 25.82 17.18
C PRO A 565 -17.41 25.51 16.35
N LEU A 566 -18.28 24.61 16.81
CA LEU A 566 -19.52 24.39 16.09
C LEU A 566 -20.49 25.55 16.28
N LEU A 567 -20.64 26.01 17.53
CA LEU A 567 -21.62 27.05 17.80
C LEU A 567 -21.14 28.40 17.32
N ASN A 568 -19.83 28.55 17.14
CA ASN A 568 -19.29 29.75 16.51
C ASN A 568 -19.70 29.81 15.04
N TYR A 569 -19.77 28.66 14.38
CA TYR A 569 -20.12 28.62 12.96
C TYR A 569 -21.56 29.03 12.74
N PHE A 570 -22.50 28.39 13.43
CA PHE A 570 -23.91 28.67 13.29
C PHE A 570 -24.38 29.78 14.22
N GLU A 571 -23.47 30.59 14.74
CA GLU A 571 -23.85 31.73 15.57
C GLU A 571 -24.72 32.77 14.86
N PRO A 572 -24.51 33.12 13.58
CA PRO A 572 -25.54 33.93 12.91
C PRO A 572 -26.87 33.20 12.73
N LEU A 573 -26.86 31.88 12.76
CA LEU A 573 -28.11 31.15 12.66
C LEU A 573 -28.72 30.92 14.05
N PHE A 574 -27.87 30.80 15.07
CA PHE A 574 -28.37 30.56 16.42
C PHE A 574 -29.11 31.77 16.96
N THR A 575 -28.64 32.97 16.63
CA THR A 575 -29.35 34.18 17.01
C THR A 575 -30.63 34.36 16.21
N TRP A 576 -30.65 33.84 14.98
CA TRP A 576 -31.81 34.05 14.13
C TRP A 576 -32.98 33.17 14.53
N LEU A 577 -32.69 31.90 14.87
CA LEU A 577 -33.75 30.93 15.15
C LEU A 577 -34.51 31.26 16.43
N LYS A 578 -33.82 31.89 17.39
CA LYS A 578 -34.48 32.30 18.62
C LYS A 578 -35.46 33.44 18.35
N ASP A 579 -35.12 34.31 17.41
CA ASP A 579 -36.03 35.39 17.02
C ASP A 579 -37.23 34.81 16.28
N GLN A 580 -37.01 33.75 15.51
CA GLN A 580 -38.11 33.12 14.78
C GLN A 580 -39.02 32.35 15.73
N ASN A 581 -38.46 31.83 16.81
CA ASN A 581 -39.23 31.03 17.76
C ASN A 581 -39.84 31.86 18.88
N LYS A 582 -40.05 33.16 18.66
CA LYS A 582 -40.59 34.01 19.72
C LYS A 582 -42.08 33.75 19.96
N ASN A 583 -42.76 33.10 19.01
CA ASN A 583 -44.16 32.73 19.18
C ASN A 583 -44.37 31.23 19.04
N SER A 584 -43.35 30.43 19.24
CA SER A 584 -43.45 28.98 19.15
C SER A 584 -42.74 28.35 20.35
N PHE A 585 -43.16 27.14 20.69
CA PHE A 585 -42.53 26.41 21.77
C PHE A 585 -41.18 25.87 21.34
N VAL A 586 -40.19 26.00 22.21
CA VAL A 586 -38.84 25.50 21.97
C VAL A 586 -38.68 24.24 22.82
N GLY A 587 -38.26 23.16 22.18
CA GLY A 587 -38.19 21.85 22.82
C GLY A 587 -39.34 20.98 22.38
N TRP A 588 -39.63 19.98 23.22
CA TRP A 588 -40.70 19.04 22.92
C TRP A 588 -41.18 18.36 24.20
N SER A 589 -42.46 18.01 24.21
CA SER A 589 -43.02 17.14 25.23
C SER A 589 -42.81 15.70 24.81
N THR A 590 -42.63 14.83 25.80
CA THR A 590 -42.37 13.41 25.53
C THR A 590 -43.63 12.57 25.47
N ASP A 591 -44.80 13.15 25.74
CA ASP A 591 -46.01 12.37 25.91
C ASP A 591 -46.85 12.21 24.65
N TRP A 592 -46.89 13.23 23.79
CA TRP A 592 -47.79 13.20 22.64
C TRP A 592 -47.31 12.22 21.58
N SER A 593 -48.26 11.53 20.97
CA SER A 593 -47.97 10.58 19.91
C SER A 593 -49.06 10.70 18.86
N PRO A 594 -48.75 10.40 17.59
CA PRO A 594 -49.78 10.44 16.55
C PRO A 594 -50.80 9.32 16.68
N TYR A 595 -50.45 8.22 17.33
CA TYR A 595 -51.37 7.12 17.54
C TYR A 595 -52.20 7.26 18.81
N ALA A 596 -52.22 8.45 19.42
CA ALA A 596 -53.07 8.73 20.57
C ALA A 596 -54.32 9.44 20.08
N ASP A 597 -55.46 8.77 20.18
CA ASP A 597 -56.73 9.34 19.76
C ASP A 597 -57.73 9.34 20.91
N THR B 1 43.20 3.88 -29.21
CA THR B 1 42.55 5.12 -29.63
C THR B 1 41.07 4.89 -29.89
N ASN B 2 40.42 4.19 -28.96
CA ASN B 2 39.02 3.84 -29.07
C ASN B 2 38.18 4.73 -28.17
N LEU B 3 36.92 4.93 -28.55
CA LEU B 3 35.99 5.67 -27.73
C LEU B 3 35.47 4.77 -26.62
N CYS B 4 35.24 5.35 -25.44
CA CYS B 4 34.79 4.57 -24.29
C CYS B 4 33.33 4.17 -24.47
N PRO B 5 33.00 2.90 -24.31
CA PRO B 5 31.61 2.45 -24.56
C PRO B 5 30.67 2.73 -23.41
N PHE B 6 30.29 4.00 -23.26
CA PHE B 6 29.24 4.33 -22.31
C PHE B 6 27.87 3.90 -22.81
N GLY B 7 27.74 3.74 -24.13
CA GLY B 7 26.43 3.48 -24.71
C GLY B 7 25.90 2.10 -24.39
N GLU B 8 26.76 1.08 -24.48
CA GLU B 8 26.33 -0.27 -24.19
C GLU B 8 26.08 -0.51 -22.71
N VAL B 9 26.51 0.42 -21.85
CA VAL B 9 26.03 0.48 -20.48
C VAL B 9 24.67 1.13 -20.41
N PHE B 10 24.45 2.15 -21.23
CA PHE B 10 23.21 2.91 -21.20
C PHE B 10 22.12 2.28 -22.04
N ASN B 11 22.46 1.58 -23.12
CA ASN B 11 21.49 0.96 -24.00
C ASN B 11 21.13 -0.47 -23.59
N ALA B 12 21.65 -0.93 -22.45
CA ALA B 12 21.34 -2.28 -22.01
C ALA B 12 19.92 -2.36 -21.47
N THR B 13 19.16 -3.35 -21.98
CA THR B 13 17.78 -3.48 -21.56
C THR B 13 17.63 -4.43 -20.38
N ARG B 14 18.74 -4.96 -19.89
CA ARG B 14 18.74 -5.75 -18.66
C ARG B 14 19.74 -5.21 -17.67
N PHE B 15 19.30 -4.34 -16.79
CA PHE B 15 20.07 -3.98 -15.62
C PHE B 15 19.82 -4.96 -14.50
N ALA B 16 20.90 -5.30 -13.80
CA ALA B 16 20.83 -6.23 -12.70
C ALA B 16 20.11 -5.59 -11.51
N SER B 17 19.66 -6.43 -10.59
CA SER B 17 19.01 -5.95 -9.38
C SER B 17 20.01 -5.23 -8.49
N VAL B 18 19.50 -4.56 -7.45
CA VAL B 18 20.37 -3.70 -6.67
C VAL B 18 21.28 -4.52 -5.75
N TYR B 19 20.86 -5.72 -5.32
CA TYR B 19 21.69 -6.51 -4.42
C TYR B 19 22.91 -7.04 -5.15
N ALA B 20 22.74 -7.35 -6.43
CA ALA B 20 23.79 -7.85 -7.29
C ALA B 20 24.04 -6.82 -8.37
N TRP B 21 24.16 -5.56 -7.94
CA TRP B 21 24.48 -4.43 -8.81
C TRP B 21 25.70 -4.72 -9.66
N ASN B 22 25.68 -4.20 -10.88
CA ASN B 22 26.49 -4.80 -11.93
C ASN B 22 27.64 -3.87 -12.28
N ARG B 23 28.83 -4.43 -12.37
CA ARG B 23 30.07 -3.65 -12.48
C ARG B 23 30.74 -3.89 -13.82
N LYS B 24 30.94 -2.81 -14.58
CA LYS B 24 31.69 -2.85 -15.82
C LYS B 24 32.85 -1.88 -15.72
N ARG B 25 34.04 -2.31 -16.14
CA ARG B 25 35.22 -1.46 -16.16
C ARG B 25 35.29 -0.73 -17.49
N ILE B 26 35.60 0.56 -17.45
CA ILE B 26 35.79 1.38 -18.64
C ILE B 26 37.22 1.87 -18.65
N SER B 27 38.03 1.34 -19.55
CA SER B 27 39.44 1.68 -19.57
C SER B 27 40.01 1.49 -20.97
N ASN B 28 41.25 1.95 -21.13
CA ASN B 28 42.04 1.85 -22.36
C ASN B 28 41.33 2.52 -23.53
N CYS B 29 40.71 3.66 -23.25
CA CYS B 29 39.86 4.35 -24.20
C CYS B 29 39.83 5.83 -23.87
N VAL B 30 39.72 6.64 -24.92
CA VAL B 30 39.47 8.07 -24.79
C VAL B 30 37.96 8.25 -24.59
N ALA B 31 37.58 9.18 -23.72
CA ALA B 31 36.23 9.20 -23.17
C ALA B 31 35.48 10.42 -23.69
N ASP B 32 34.24 10.19 -24.12
CA ASP B 32 33.34 11.24 -24.58
C ASP B 32 32.21 11.35 -23.57
N TYR B 33 32.41 12.19 -22.55
CA TYR B 33 31.36 12.44 -21.58
C TYR B 33 30.31 13.42 -22.08
N SER B 34 30.57 14.08 -23.21
CA SER B 34 29.77 15.18 -23.71
C SER B 34 28.37 14.76 -24.16
N VAL B 35 28.17 13.47 -24.46
CA VAL B 35 26.83 13.02 -24.84
C VAL B 35 26.00 12.76 -23.60
N LEU B 36 26.64 12.57 -22.45
CA LEU B 36 25.92 12.25 -21.23
C LEU B 36 25.21 13.47 -20.66
N TYR B 37 25.96 14.54 -20.39
CA TYR B 37 25.37 15.71 -19.73
C TYR B 37 24.46 16.47 -20.68
N ASN B 38 24.68 16.35 -21.97
CA ASN B 38 23.85 17.01 -22.96
C ASN B 38 22.56 16.26 -23.24
N SER B 39 22.31 15.13 -22.57
CA SER B 39 21.08 14.38 -22.81
C SER B 39 19.85 15.10 -22.26
N ALA B 40 19.93 15.59 -21.02
CA ALA B 40 18.91 16.44 -20.39
C ALA B 40 17.54 15.77 -20.30
N SER B 41 17.52 14.45 -20.19
CA SER B 41 16.30 13.72 -19.96
C SER B 41 16.39 12.82 -18.73
N PHE B 42 17.45 12.95 -17.93
CA PHE B 42 17.61 12.20 -16.71
C PHE B 42 16.75 12.82 -15.61
N SER B 43 16.34 12.00 -14.65
CA SER B 43 15.65 12.56 -13.50
C SER B 43 16.61 12.85 -12.35
N THR B 44 17.86 12.43 -12.46
CA THR B 44 18.87 12.67 -11.43
C THR B 44 20.24 12.53 -12.06
N PHE B 45 20.99 13.63 -12.09
CA PHE B 45 22.39 13.58 -12.52
C PHE B 45 23.24 14.40 -11.57
N LYS B 46 23.97 13.73 -10.68
CA LYS B 46 24.82 14.39 -9.70
C LYS B 46 26.26 14.03 -10.03
N CYS B 47 27.17 14.99 -9.88
CA CYS B 47 28.59 14.66 -9.83
C CYS B 47 29.19 15.14 -8.51
N TYR B 48 30.11 14.34 -8.00
CA TYR B 48 30.55 14.40 -6.61
C TYR B 48 32.08 14.50 -6.60
N GLY B 49 32.59 15.72 -6.58
CA GLY B 49 34.02 15.90 -6.51
C GLY B 49 34.62 16.51 -7.76
N VAL B 50 33.81 16.64 -8.83
CA VAL B 50 34.29 17.16 -10.09
C VAL B 50 33.11 17.78 -10.84
N SER B 51 33.37 18.91 -11.50
CA SER B 51 32.36 19.55 -12.34
C SER B 51 32.17 18.73 -13.61
N PRO B 52 30.94 18.67 -14.16
CA PRO B 52 30.72 17.85 -15.36
C PRO B 52 31.40 18.38 -16.62
N THR B 53 31.66 19.69 -16.67
CA THR B 53 32.36 20.23 -17.84
C THR B 53 33.86 19.98 -17.75
N LYS B 54 34.43 20.12 -16.56
CA LYS B 54 35.87 20.01 -16.37
C LYS B 54 36.40 18.61 -16.55
N LEU B 55 35.58 17.59 -16.26
CA LEU B 55 36.03 16.21 -16.30
C LEU B 55 36.30 15.69 -17.71
N ASN B 56 35.85 16.39 -18.74
CA ASN B 56 36.12 15.94 -20.11
C ASN B 56 37.59 16.05 -20.46
N ASP B 57 38.24 17.16 -20.09
CA ASP B 57 39.70 17.22 -20.22
C ASP B 57 40.34 16.89 -18.88
N LEU B 58 40.25 15.63 -18.47
CA LEU B 58 40.82 15.17 -17.22
C LEU B 58 41.10 13.67 -17.35
N CYS B 59 42.30 13.28 -16.94
CA CYS B 59 42.78 11.93 -17.23
C CYS B 59 42.73 11.05 -16.00
N PHE B 60 42.17 9.85 -16.19
CA PHE B 60 41.95 8.85 -15.16
C PHE B 60 42.59 7.54 -15.60
N THR B 61 42.79 6.63 -14.66
CA THR B 61 43.45 5.37 -15.01
C THR B 61 42.44 4.24 -15.20
N ASN B 62 41.31 4.29 -14.47
CA ASN B 62 40.25 3.31 -14.57
C ASN B 62 38.92 3.97 -14.23
N VAL B 63 37.88 3.61 -14.98
CA VAL B 63 36.53 4.07 -14.72
C VAL B 63 35.64 2.86 -14.49
N TYR B 64 35.10 2.74 -13.29
CA TYR B 64 34.17 1.68 -12.96
C TYR B 64 32.75 2.20 -13.09
N ALA B 65 31.89 1.44 -13.76
CA ALA B 65 30.54 1.87 -14.06
C ALA B 65 29.57 0.87 -13.42
N ASP B 66 29.01 1.24 -12.29
CA ASP B 66 27.97 0.45 -11.65
C ASP B 66 26.65 0.71 -12.33
N SER B 67 25.78 -0.28 -12.37
CA SER B 67 24.48 -0.12 -13.00
C SER B 67 23.49 -1.10 -12.40
N PHE B 68 22.32 -0.59 -12.06
CA PHE B 68 21.33 -1.32 -11.27
C PHE B 68 20.01 -0.57 -11.31
N VAL B 69 18.98 -1.18 -10.76
CA VAL B 69 17.61 -0.65 -10.77
C VAL B 69 17.13 -0.55 -9.35
N ILE B 70 16.72 0.65 -8.96
CA ILE B 70 16.18 0.91 -7.64
C ILE B 70 14.83 1.59 -7.81
N ARG B 71 14.27 2.03 -6.70
CA ARG B 71 12.95 2.62 -6.73
C ARG B 71 13.12 4.14 -6.78
N GLY B 72 12.01 4.87 -6.97
CA GLY B 72 12.12 6.31 -7.19
C GLY B 72 12.52 7.07 -5.94
N ASP B 73 11.84 6.79 -4.82
CA ASP B 73 12.20 7.41 -3.55
C ASP B 73 13.59 7.02 -3.07
N GLU B 74 14.09 5.86 -3.47
CA GLU B 74 15.39 5.38 -3.04
C GLU B 74 16.53 5.87 -3.89
N VAL B 75 16.30 6.83 -4.80
CA VAL B 75 17.39 7.43 -5.55
C VAL B 75 18.20 8.35 -4.66
N ARG B 76 17.55 8.96 -3.66
CA ARG B 76 18.24 9.85 -2.74
C ARG B 76 19.28 9.14 -1.88
N GLN B 77 19.17 7.81 -1.74
CA GLN B 77 20.10 7.07 -0.92
C GLN B 77 21.40 6.75 -1.66
N ILE B 78 21.47 7.04 -2.95
CA ILE B 78 22.70 6.89 -3.70
C ILE B 78 23.44 8.22 -3.66
N ALA B 79 24.15 8.45 -2.56
CA ALA B 79 24.87 9.68 -2.29
C ALA B 79 25.79 9.44 -1.12
N PRO B 80 26.99 10.04 -1.10
CA PRO B 80 27.90 9.81 0.02
C PRO B 80 27.37 10.36 1.33
N GLY B 81 27.17 9.46 2.29
CA GLY B 81 26.64 9.86 3.57
C GLY B 81 25.14 9.70 3.71
N GLN B 82 24.53 8.78 2.97
CA GLN B 82 23.13 8.45 3.14
C GLN B 82 22.98 7.08 3.76
N THR B 83 21.80 6.85 4.31
CA THR B 83 21.41 5.55 4.86
C THR B 83 20.06 5.15 4.30
N GLY B 84 19.60 3.96 4.68
CA GLY B 84 18.37 3.39 4.17
C GLY B 84 18.56 1.94 3.77
N LYS B 85 17.55 1.44 3.05
CA LYS B 85 17.58 0.05 2.63
C LYS B 85 18.52 -0.17 1.45
N ILE B 86 18.92 0.91 0.79
CA ILE B 86 19.78 0.77 -0.38
C ILE B 86 21.23 1.07 -0.02
N ALA B 87 21.43 2.08 0.82
CA ALA B 87 22.79 2.48 1.16
C ALA B 87 23.42 1.50 2.14
N ASP B 88 22.64 1.05 3.12
CA ASP B 88 23.19 0.15 4.13
C ASP B 88 23.27 -1.29 3.64
N TYR B 89 22.24 -1.76 2.96
CA TYR B 89 22.05 -3.18 2.72
C TYR B 89 22.36 -3.60 1.30
N ASN B 90 22.30 -2.69 0.34
CA ASN B 90 22.30 -3.04 -1.06
C ASN B 90 23.48 -2.45 -1.83
N TYR B 91 23.74 -1.17 -1.65
CA TYR B 91 24.80 -0.50 -2.40
C TYR B 91 25.28 0.72 -1.62
N LYS B 92 26.49 0.65 -1.09
CA LYS B 92 27.04 1.72 -0.26
C LYS B 92 28.09 2.48 -1.07
N LEU B 93 27.91 3.78 -1.17
CA LEU B 93 28.91 4.68 -1.72
C LEU B 93 29.85 5.17 -0.61
N PRO B 94 31.14 5.30 -0.90
CA PRO B 94 32.08 5.85 0.09
C PRO B 94 31.80 7.32 0.33
N ASP B 95 32.33 7.82 1.45
CA ASP B 95 32.18 9.25 1.75
C ASP B 95 33.09 10.08 0.87
N ASP B 96 34.28 9.57 0.54
CA ASP B 96 35.16 10.24 -0.40
C ASP B 96 34.90 9.80 -1.84
N PHE B 97 33.64 9.84 -2.25
CA PHE B 97 33.26 9.31 -3.55
C PHE B 97 33.57 10.32 -4.65
N THR B 98 34.24 9.88 -5.70
CA THR B 98 34.74 10.78 -6.73
C THR B 98 34.08 10.54 -8.09
N GLY B 99 32.93 9.89 -8.14
CA GLY B 99 32.26 9.61 -9.40
C GLY B 99 30.99 10.42 -9.58
N CYS B 100 30.28 10.12 -10.66
CA CYS B 100 29.01 10.76 -10.95
C CYS B 100 27.88 9.74 -10.87
N VAL B 101 26.73 10.20 -10.40
CA VAL B 101 25.55 9.36 -10.20
C VAL B 101 24.50 9.76 -11.22
N ILE B 102 24.11 8.82 -12.07
CA ILE B 102 23.23 9.07 -13.20
C ILE B 102 21.97 8.24 -13.00
N ALA B 103 20.81 8.84 -13.18
CA ALA B 103 19.59 8.09 -12.97
C ALA B 103 18.51 8.57 -13.92
N TRP B 104 17.68 7.64 -14.37
CA TRP B 104 16.59 8.01 -15.26
C TRP B 104 15.39 7.12 -14.98
N ASN B 105 14.21 7.69 -15.20
CA ASN B 105 12.97 6.95 -15.00
C ASN B 105 12.87 5.85 -16.03
N SER B 106 12.45 4.68 -15.59
CA SER B 106 12.16 3.55 -16.45
C SER B 106 10.92 2.82 -15.97
N ASN B 107 9.86 3.57 -15.63
CA ASN B 107 8.54 3.00 -15.36
C ASN B 107 8.06 2.16 -16.52
N ASN B 108 8.37 2.61 -17.72
CA ASN B 108 7.91 2.05 -18.97
C ASN B 108 8.66 0.78 -19.38
N LEU B 109 9.99 0.80 -19.37
CA LEU B 109 10.79 -0.40 -19.56
C LEU B 109 10.60 -1.49 -18.52
N ASP B 110 10.63 -1.15 -17.25
CA ASP B 110 10.90 -2.13 -16.20
C ASP B 110 9.70 -2.45 -15.34
N SER B 111 8.51 -1.98 -15.69
CA SER B 111 7.32 -2.40 -14.98
C SER B 111 6.33 -2.97 -15.97
N LYS B 112 5.48 -3.87 -15.48
CA LYS B 112 4.41 -4.41 -16.30
C LYS B 112 3.27 -4.78 -15.38
N VAL B 113 2.06 -4.76 -15.95
CA VAL B 113 0.84 -4.96 -15.17
C VAL B 113 0.81 -6.37 -14.62
N GLY B 114 0.55 -6.48 -13.32
CA GLY B 114 0.79 -7.70 -12.59
C GLY B 114 2.08 -7.72 -11.82
N GLY B 115 2.95 -6.73 -12.03
CA GLY B 115 4.14 -6.62 -11.20
C GLY B 115 5.33 -7.29 -11.87
N ASN B 116 6.36 -6.50 -12.11
CA ASN B 116 7.65 -7.01 -12.56
C ASN B 116 8.44 -7.40 -11.33
N TYR B 117 8.30 -8.65 -10.89
CA TYR B 117 8.93 -9.12 -9.67
C TYR B 117 10.37 -9.59 -9.89
N ASN B 118 11.01 -9.12 -10.96
CA ASN B 118 12.33 -9.59 -11.32
C ASN B 118 13.41 -8.87 -10.52
N TYR B 119 13.14 -7.64 -10.08
CA TYR B 119 14.15 -6.80 -9.46
C TYR B 119 14.09 -6.96 -7.95
N LEU B 120 15.18 -7.45 -7.36
CA LEU B 120 15.24 -7.86 -5.97
C LEU B 120 16.05 -6.86 -5.15
N TYR B 121 15.76 -6.81 -3.85
CA TYR B 121 16.51 -5.94 -2.96
C TYR B 121 16.62 -6.60 -1.59
N ARG B 122 17.82 -6.51 -1.02
CA ARG B 122 18.13 -7.16 0.25
C ARG B 122 17.52 -6.38 1.40
N LEU B 123 16.38 -6.85 1.88
CA LEU B 123 15.65 -6.09 2.87
C LEU B 123 16.26 -6.21 4.26
N PHE B 124 17.01 -7.28 4.53
CA PHE B 124 17.63 -7.44 5.85
C PHE B 124 19.09 -7.85 5.70
N ARG B 125 19.94 -7.29 6.56
CA ARG B 125 21.32 -7.71 6.63
C ARG B 125 21.80 -7.40 8.04
N LYS B 126 22.66 -8.28 8.58
CA LYS B 126 23.20 -8.05 9.92
C LYS B 126 24.04 -6.80 10.02
N SER B 127 25.18 -6.77 9.35
CA SER B 127 26.07 -5.61 9.40
C SER B 127 25.83 -4.80 8.12
N ASN B 128 26.26 -3.55 8.15
CA ASN B 128 26.09 -2.73 6.97
C ASN B 128 27.30 -2.88 6.06
N LEU B 129 27.12 -2.47 4.80
CA LEU B 129 28.12 -2.72 3.79
C LEU B 129 29.31 -1.77 3.93
N LYS B 130 30.45 -2.23 3.42
CA LYS B 130 31.55 -1.33 3.12
C LYS B 130 31.23 -0.55 1.85
N PRO B 131 32.01 0.48 1.51
CA PRO B 131 31.93 1.04 0.16
C PRO B 131 32.19 0.01 -0.93
N PHE B 132 31.26 -0.03 -1.89
CA PHE B 132 31.26 -0.89 -3.07
C PHE B 132 31.22 -2.38 -2.72
N GLU B 133 30.66 -2.73 -1.58
CA GLU B 133 30.63 -4.14 -1.19
C GLU B 133 29.30 -4.76 -1.61
N ARG B 134 29.40 -5.93 -2.25
CA ARG B 134 28.25 -6.60 -2.83
C ARG B 134 27.86 -7.80 -1.97
N ASP B 135 26.59 -7.90 -1.61
CA ASP B 135 26.07 -9.03 -0.87
C ASP B 135 25.04 -9.73 -1.72
N ILE B 136 25.41 -10.89 -2.26
CA ILE B 136 24.54 -11.73 -3.07
C ILE B 136 24.09 -12.97 -2.32
N SER B 137 24.26 -13.01 -1.00
CA SER B 137 23.90 -14.18 -0.23
C SER B 137 22.38 -14.30 -0.05
N THR B 138 21.89 -15.50 -0.31
CA THR B 138 20.48 -15.84 -0.11
C THR B 138 20.27 -16.50 1.24
N GLU B 139 21.26 -16.41 2.11
CA GLU B 139 21.23 -17.08 3.41
C GLU B 139 20.20 -16.44 4.32
N ILE B 140 19.46 -17.28 5.06
CA ILE B 140 18.32 -16.81 5.85
C ILE B 140 18.78 -15.89 6.95
N TYR B 141 18.18 -14.71 7.02
CA TYR B 141 18.51 -13.74 8.05
C TYR B 141 17.95 -14.20 9.39
N GLN B 142 18.84 -14.54 10.32
CA GLN B 142 18.44 -14.94 11.67
C GLN B 142 18.05 -13.68 12.43
N ALA B 143 16.75 -13.43 12.52
CA ALA B 143 16.27 -12.24 13.22
C ALA B 143 16.32 -12.39 14.73
N GLY B 144 16.35 -13.62 15.25
CA GLY B 144 16.31 -13.87 16.65
C GLY B 144 17.53 -14.60 17.17
N SER B 145 17.35 -15.27 18.31
CA SER B 145 18.41 -16.05 18.91
C SER B 145 18.30 -17.54 18.61
N THR B 146 17.11 -18.01 18.24
CA THR B 146 16.96 -19.39 17.80
C THR B 146 17.59 -19.56 16.43
N PRO B 147 18.47 -20.55 16.24
CA PRO B 147 19.00 -20.81 14.90
C PRO B 147 17.91 -21.31 13.97
N CYS B 148 18.05 -20.95 12.70
CA CYS B 148 17.00 -21.16 11.71
C CYS B 148 17.11 -22.49 10.99
N ASN B 149 18.33 -22.98 10.79
CA ASN B 149 18.66 -24.12 9.91
C ASN B 149 18.17 -23.89 8.49
N GLY B 150 18.16 -22.63 8.07
CA GLY B 150 17.88 -22.28 6.69
C GLY B 150 16.46 -22.50 6.22
N VAL B 151 15.48 -22.43 7.12
CA VAL B 151 14.08 -22.46 6.73
C VAL B 151 13.45 -21.15 7.20
N GLU B 152 12.28 -20.85 6.65
CA GLU B 152 11.58 -19.62 7.00
C GLU B 152 10.57 -19.85 8.11
N GLY B 153 10.35 -18.83 8.91
CA GLY B 153 9.40 -18.93 9.99
C GLY B 153 9.58 -17.79 10.96
N PHE B 154 9.40 -18.11 12.24
CA PHE B 154 9.51 -17.12 13.30
C PHE B 154 10.96 -16.68 13.48
N ASN B 155 11.19 -15.37 13.29
CA ASN B 155 12.49 -14.72 13.30
C ASN B 155 13.49 -15.34 12.31
N CYS B 156 13.00 -15.90 11.22
CA CYS B 156 13.86 -16.48 10.18
C CYS B 156 13.32 -16.00 8.84
N TYR B 157 13.96 -14.99 8.28
CA TYR B 157 13.44 -14.31 7.10
C TYR B 157 14.42 -14.42 5.94
N PHE B 158 13.89 -14.41 4.73
CA PHE B 158 14.73 -14.42 3.55
C PHE B 158 15.13 -12.99 3.22
N PRO B 159 16.40 -12.72 2.97
CA PRO B 159 16.85 -11.32 2.85
C PRO B 159 16.47 -10.65 1.53
N LEU B 160 16.55 -11.36 0.41
CA LEU B 160 16.30 -10.76 -0.90
C LEU B 160 14.80 -10.70 -1.13
N GLN B 161 14.22 -9.54 -0.89
CA GLN B 161 12.81 -9.30 -1.21
CA GLN B 161 12.82 -9.34 -1.22
C GLN B 161 12.71 -8.64 -2.58
N SER B 162 11.54 -8.77 -3.19
CA SER B 162 11.34 -8.34 -4.56
C SER B 162 10.57 -7.04 -4.65
N TYR B 163 11.07 -6.12 -5.47
CA TYR B 163 10.29 -4.97 -5.87
C TYR B 163 9.15 -5.43 -6.77
N GLY B 164 7.92 -5.04 -6.42
CA GLY B 164 6.84 -5.30 -7.34
C GLY B 164 6.50 -4.05 -8.11
N PHE B 165 7.00 -3.92 -9.34
CA PHE B 165 6.75 -2.71 -10.13
C PHE B 165 5.55 -2.94 -11.03
N GLN B 166 4.47 -2.23 -10.77
CA GLN B 166 3.42 -2.04 -11.76
C GLN B 166 3.64 -0.71 -12.46
N PRO B 167 3.11 -0.48 -13.66
CA PRO B 167 3.26 0.84 -14.26
C PRO B 167 2.32 1.86 -13.70
N THR B 168 1.32 1.42 -12.95
CA THR B 168 0.40 2.33 -12.29
C THR B 168 0.91 2.81 -10.94
N ASN B 169 2.09 2.38 -10.50
CA ASN B 169 2.63 2.88 -9.25
C ASN B 169 3.05 4.33 -9.37
N GLY B 170 3.02 5.04 -8.24
CA GLY B 170 3.28 6.46 -8.25
C GLY B 170 4.74 6.77 -8.49
N VAL B 171 5.00 8.06 -8.70
CA VAL B 171 6.28 8.56 -9.21
C VAL B 171 7.40 8.28 -8.22
N GLY B 172 7.07 8.25 -6.92
CA GLY B 172 8.03 7.87 -5.92
C GLY B 172 8.39 6.40 -5.94
N TYR B 173 7.52 5.55 -6.47
CA TYR B 173 7.79 4.13 -6.53
C TYR B 173 7.92 3.56 -7.95
N GLN B 174 8.17 4.41 -8.94
CA GLN B 174 8.47 3.96 -10.29
C GLN B 174 9.94 3.60 -10.42
N PRO B 175 10.26 2.55 -11.18
CA PRO B 175 11.64 2.06 -11.22
C PRO B 175 12.60 2.97 -11.96
N TYR B 176 13.44 3.68 -11.21
CA TYR B 176 14.43 4.56 -11.81
C TYR B 176 15.72 3.80 -11.94
N ARG B 177 16.08 3.43 -13.17
CA ARG B 177 17.38 2.85 -13.44
C ARG B 177 18.48 3.84 -13.09
N VAL B 178 19.55 3.33 -12.48
CA VAL B 178 20.65 4.15 -12.00
C VAL B 178 21.94 3.56 -12.53
N VAL B 179 22.79 4.41 -13.11
CA VAL B 179 24.13 4.01 -13.51
C VAL B 179 25.12 4.89 -12.77
N VAL B 180 25.84 4.29 -11.82
CA VAL B 180 26.80 5.03 -11.00
C VAL B 180 28.19 4.84 -11.60
N LEU B 181 28.76 5.92 -12.10
CA LEU B 181 30.15 5.91 -12.57
C LEU B 181 31.04 6.09 -11.36
N SER B 182 32.29 5.66 -11.49
CA SER B 182 33.28 5.87 -10.44
C SER B 182 34.66 6.00 -11.08
N PHE B 183 35.43 6.97 -10.64
CA PHE B 183 36.68 7.32 -11.27
C PHE B 183 37.80 7.10 -10.26
N GLU B 184 38.97 6.67 -10.73
CA GLU B 184 40.09 6.48 -9.81
C GLU B 184 41.41 6.86 -10.48
N LEU B 185 42.40 7.13 -9.62
CA LEU B 185 43.74 7.50 -10.02
C LEU B 185 44.74 6.63 -9.27
N LEU B 186 45.81 6.25 -9.94
CA LEU B 186 46.89 5.47 -9.32
C LEU B 186 48.22 5.99 -9.87
N HIS B 187 49.30 5.29 -9.54
CA HIS B 187 50.60 5.53 -10.14
C HIS B 187 50.73 4.96 -11.54
N ALA B 188 49.75 4.16 -11.97
CA ALA B 188 49.66 3.65 -13.33
C ALA B 188 49.45 4.80 -14.31
N PRO B 189 49.87 4.66 -15.56
CA PRO B 189 49.58 5.69 -16.55
C PRO B 189 48.09 5.73 -16.87
N ALA B 190 47.61 6.95 -17.14
CA ALA B 190 46.18 7.21 -17.31
C ALA B 190 45.72 6.63 -18.65
N THR B 191 44.73 5.76 -18.60
CA THR B 191 44.16 5.13 -19.79
C THR B 191 42.89 5.82 -20.26
N VAL B 192 42.22 6.57 -19.39
CA VAL B 192 40.97 7.24 -19.73
C VAL B 192 41.21 8.74 -19.73
N CYS B 193 41.31 9.32 -20.93
CA CYS B 193 41.38 10.76 -21.10
C CYS B 193 40.22 11.19 -22.00
N GLY B 194 40.21 12.47 -22.36
CA GLY B 194 39.18 12.97 -23.25
C GLY B 194 39.47 14.33 -23.83
N GLN C 1 23.38 -37.84 0.56
CA GLN C 1 24.15 -37.05 1.51
C GLN C 1 24.91 -35.94 0.78
N LEU C 2 24.98 -36.04 -0.55
CA LEU C 2 25.60 -35.01 -1.37
C LEU C 2 24.58 -34.26 -2.20
N LEU C 3 23.88 -34.98 -3.09
CA LEU C 3 22.79 -34.55 -3.97
C LEU C 3 22.25 -35.78 -4.68
N GLN C 4 21.00 -35.71 -5.13
CA GLN C 4 20.40 -36.76 -5.93
C GLN C 4 20.07 -36.20 -7.30
N GLN C 5 20.26 -37.02 -8.32
CA GLN C 5 20.00 -36.59 -9.68
C GLN C 5 19.64 -37.84 -10.47
N SER C 6 18.71 -37.67 -11.42
CA SER C 6 18.18 -38.79 -12.19
C SER C 6 19.27 -39.43 -13.06
N GLY C 7 18.98 -40.65 -13.50
CA GLY C 7 19.95 -41.42 -14.24
C GLY C 7 20.15 -40.91 -15.65
N ALA C 8 21.05 -41.58 -16.35
CA ALA C 8 21.42 -41.20 -17.71
C ALA C 8 20.23 -41.35 -18.65
N GLU C 9 20.26 -40.56 -19.72
CA GLU C 9 19.13 -40.48 -20.62
C GLU C 9 19.61 -40.68 -22.05
N VAL C 10 18.75 -41.28 -22.86
CA VAL C 10 18.89 -41.27 -24.31
C VAL C 10 17.56 -40.81 -24.89
N LYS C 11 17.63 -39.83 -25.79
CA LYS C 11 16.43 -39.17 -26.28
C LYS C 11 16.52 -38.99 -27.79
N LYS C 12 15.37 -38.77 -28.40
CA LYS C 12 15.22 -38.38 -29.80
C LYS C 12 15.10 -36.86 -29.89
N PRO C 13 15.61 -36.27 -30.96
CA PRO C 13 15.37 -34.84 -31.19
C PRO C 13 13.89 -34.57 -31.39
N GLY C 14 13.41 -33.50 -30.76
CA GLY C 14 11.99 -33.21 -30.71
C GLY C 14 11.30 -33.66 -29.45
N SER C 15 11.84 -34.65 -28.73
CA SER C 15 11.31 -35.00 -27.43
C SER C 15 11.93 -34.07 -26.38
N SER C 16 11.57 -34.25 -25.11
CA SER C 16 11.96 -33.31 -24.07
C SER C 16 12.41 -34.07 -22.84
N VAL C 17 13.48 -33.59 -22.22
CA VAL C 17 14.05 -34.18 -21.02
C VAL C 17 13.68 -33.31 -19.83
N LYS C 18 13.14 -33.94 -18.78
CA LYS C 18 12.88 -33.28 -17.50
C LYS C 18 13.76 -34.01 -16.48
N VAL C 19 15.01 -33.59 -16.39
CA VAL C 19 15.96 -34.23 -15.49
C VAL C 19 15.86 -33.59 -14.12
N SER C 20 15.69 -34.42 -13.10
CA SER C 20 15.44 -33.95 -11.75
C SER C 20 16.75 -33.71 -11.01
N CYS C 21 16.63 -33.06 -9.86
CA CYS C 21 17.78 -32.79 -9.00
C CYS C 21 17.26 -32.68 -7.59
N LYS C 22 17.30 -33.79 -6.86
CA LYS C 22 16.81 -33.84 -5.48
C LYS C 22 17.85 -33.31 -4.49
N ALA C 23 17.38 -32.55 -3.52
CA ALA C 23 18.24 -31.97 -2.50
C ALA C 23 19.27 -32.99 -2.00
N SER C 24 20.38 -33.10 -2.71
CA SER C 24 21.44 -34.03 -2.33
C SER C 24 21.73 -33.92 -0.84
N GLY C 25 21.35 -32.79 -0.25
CA GLY C 25 21.57 -32.54 1.16
C GLY C 25 21.70 -31.07 1.50
N GLY C 26 21.73 -30.75 2.79
CA GLY C 26 21.87 -29.39 3.25
C GLY C 26 20.66 -28.53 2.98
N THR C 27 20.86 -27.21 3.00
CA THR C 27 19.79 -26.26 2.76
C THR C 27 19.37 -26.22 1.29
N PHE C 28 18.08 -26.11 1.06
CA PHE C 28 17.52 -26.05 -0.28
C PHE C 28 16.63 -24.84 -0.41
N SER C 29 15.39 -24.97 0.06
CA SER C 29 14.43 -23.88 0.01
C SER C 29 15.02 -22.60 0.61
N SER C 30 16.17 -22.18 0.08
CA SER C 30 16.86 -21.00 0.54
C SER C 30 18.28 -20.98 0.00
N TYR C 31 18.40 -21.25 -1.30
CA TYR C 31 19.71 -21.28 -1.94
C TYR C 31 19.54 -21.38 -3.46
N ALA C 32 20.32 -20.59 -4.19
CA ALA C 32 20.26 -20.59 -5.64
C ALA C 32 20.82 -21.89 -6.21
N ILE C 33 19.98 -22.66 -6.88
CA ILE C 33 20.41 -23.92 -7.48
C ILE C 33 20.50 -23.74 -8.99
N SER C 34 21.73 -23.78 -9.50
CA SER C 34 22.00 -23.50 -10.90
C SER C 34 21.97 -24.80 -11.67
N TRP C 35 22.41 -24.72 -12.92
CA TRP C 35 22.62 -25.89 -13.76
C TRP C 35 23.81 -25.63 -14.66
N VAL C 36 24.76 -26.53 -14.66
CA VAL C 36 25.95 -26.38 -15.48
C VAL C 36 26.05 -27.56 -16.44
N ARG C 37 26.41 -27.28 -17.68
CA ARG C 37 26.47 -28.25 -18.75
C ARG C 37 27.93 -28.57 -19.03
N GLN C 38 28.20 -29.76 -19.55
CA GLN C 38 29.49 -30.06 -20.13
C GLN C 38 29.31 -30.99 -21.31
N ALA C 39 29.59 -30.49 -22.52
CA ALA C 39 29.66 -31.36 -23.67
C ALA C 39 30.87 -32.29 -23.52
N PRO C 40 30.74 -33.56 -23.88
CA PRO C 40 31.79 -34.54 -23.58
C PRO C 40 33.07 -34.26 -24.35
N GLY C 41 34.15 -34.01 -23.60
CA GLY C 41 35.39 -33.55 -24.19
C GLY C 41 35.47 -32.07 -24.39
N GLN C 42 34.50 -31.30 -23.91
CA GLN C 42 34.47 -29.86 -24.09
C GLN C 42 34.44 -29.16 -22.73
N GLY C 43 34.53 -27.84 -22.77
CA GLY C 43 34.52 -27.05 -21.56
C GLY C 43 33.13 -26.96 -20.96
N LEU C 44 33.09 -26.50 -19.71
CA LEU C 44 31.85 -26.32 -18.98
C LEU C 44 31.11 -25.11 -19.49
N GLU C 45 29.79 -25.16 -19.34
CA GLU C 45 28.93 -24.02 -19.66
C GLU C 45 27.85 -23.93 -18.61
N TRP C 46 27.68 -22.74 -18.03
CA TRP C 46 26.50 -22.48 -17.22
C TRP C 46 25.27 -22.50 -18.11
N MET C 47 24.14 -22.92 -17.54
CA MET C 47 22.89 -22.97 -18.27
C MET C 47 21.87 -22.00 -17.73
N GLY C 48 21.58 -22.09 -16.44
CA GLY C 48 20.56 -21.23 -15.85
C GLY C 48 20.63 -21.33 -14.34
N GLY C 49 19.53 -20.99 -13.71
CA GLY C 49 19.46 -21.08 -12.26
C GLY C 49 18.16 -20.56 -11.70
N ILE C 50 17.77 -21.06 -10.53
CA ILE C 50 16.62 -20.55 -9.83
C ILE C 50 16.98 -20.33 -8.37
N ILE C 51 16.23 -19.45 -7.73
CA ILE C 51 16.27 -19.31 -6.28
C ILE C 51 14.97 -19.92 -5.78
N PRO C 52 14.94 -21.20 -5.42
CA PRO C 52 13.69 -21.93 -5.22
C PRO C 52 12.96 -21.63 -3.92
N ILE C 53 12.89 -20.35 -3.56
CA ILE C 53 12.11 -19.89 -2.42
C ILE C 53 11.28 -18.73 -2.96
N ILE C 54 11.59 -18.30 -4.18
CA ILE C 54 10.82 -17.30 -4.90
C ILE C 54 10.27 -17.87 -6.21
N GLY C 55 11.16 -18.23 -7.14
CA GLY C 55 10.74 -18.67 -8.45
C GLY C 55 11.35 -17.86 -9.58
N ILE C 56 12.30 -16.99 -9.25
CA ILE C 56 13.05 -16.26 -10.26
C ILE C 56 13.91 -17.24 -11.03
N ALA C 57 14.02 -17.04 -12.34
CA ALA C 57 14.80 -17.97 -13.17
C ALA C 57 15.64 -17.15 -14.14
N ASN C 58 16.93 -17.05 -13.86
CA ASN C 58 17.81 -16.50 -14.88
C ASN C 58 18.34 -17.62 -15.78
N TYR C 59 18.59 -17.28 -17.04
CA TYR C 59 19.14 -18.23 -17.99
C TYR C 59 20.23 -17.54 -18.78
N ALA C 60 21.07 -18.34 -19.43
CA ALA C 60 22.07 -17.77 -20.33
C ALA C 60 21.38 -17.27 -21.60
N GLN C 61 22.06 -16.42 -22.36
CA GLN C 61 21.46 -15.93 -23.58
C GLN C 61 21.54 -16.98 -24.68
N LYS C 62 22.37 -18.00 -24.49
CA LYS C 62 22.44 -19.10 -25.44
C LYS C 62 21.29 -20.07 -25.26
N PHE C 63 20.98 -20.42 -24.01
CA PHE C 63 19.99 -21.43 -23.70
C PHE C 63 18.61 -20.84 -23.48
N GLN C 64 18.37 -19.63 -23.96
CA GLN C 64 17.12 -18.96 -23.64
C GLN C 64 15.99 -19.49 -24.51
N GLY C 65 14.81 -19.65 -23.89
CA GLY C 65 13.62 -20.10 -24.57
C GLY C 65 13.43 -21.60 -24.54
N ARG C 66 14.52 -22.36 -24.57
CA ARG C 66 14.42 -23.81 -24.55
C ARG C 66 14.35 -24.39 -23.15
N VAL C 67 15.35 -24.16 -22.30
CA VAL C 67 15.36 -24.70 -20.95
C VAL C 67 14.37 -23.93 -20.10
N THR C 68 13.69 -24.63 -19.20
CA THR C 68 12.94 -24.00 -18.12
C THR C 68 13.36 -24.70 -16.84
N ILE C 69 13.68 -23.94 -15.81
CA ILE C 69 14.15 -24.49 -14.55
C ILE C 69 13.13 -24.17 -13.47
N THR C 70 12.70 -25.20 -12.76
CA THR C 70 11.71 -25.04 -11.70
C THR C 70 12.04 -26.00 -10.56
N ALA C 71 11.46 -25.73 -9.39
CA ALA C 71 11.61 -26.60 -8.25
C ALA C 71 10.36 -26.55 -7.40
N ASP C 72 10.08 -27.67 -6.75
CA ASP C 72 9.01 -27.75 -5.75
C ASP C 72 9.70 -27.89 -4.40
N LYS C 73 9.51 -26.90 -3.54
CA LYS C 73 10.18 -26.90 -2.24
C LYS C 73 9.56 -27.91 -1.28
N SER C 74 8.38 -28.43 -1.59
CA SER C 74 7.80 -29.48 -0.76
C SER C 74 8.54 -30.80 -0.91
N THR C 75 9.03 -31.10 -2.10
CA THR C 75 9.74 -32.34 -2.36
C THR C 75 11.25 -32.19 -2.40
N SER C 76 11.75 -30.95 -2.26
CA SER C 76 13.18 -30.61 -2.26
C SER C 76 13.88 -31.11 -3.52
N THR C 77 13.26 -30.85 -4.67
CA THR C 77 13.77 -31.34 -5.95
C THR C 77 13.64 -30.25 -7.00
N ALA C 78 14.74 -30.00 -7.72
CA ALA C 78 14.74 -29.09 -8.85
C ALA C 78 14.42 -29.85 -10.14
N TYR C 79 14.11 -29.10 -11.19
CA TYR C 79 13.82 -29.69 -12.49
C TYR C 79 14.38 -28.80 -13.58
N MET C 80 14.66 -29.41 -14.74
CA MET C 80 15.38 -28.76 -15.83
C MET C 80 14.75 -29.09 -17.17
N GLU C 81 13.47 -28.72 -17.36
CA GLU C 81 12.76 -29.12 -18.57
C GLU C 81 13.34 -28.46 -19.81
N LEU C 82 14.29 -29.14 -20.46
CA LEU C 82 14.84 -28.74 -21.74
C LEU C 82 13.86 -29.12 -22.85
N SER C 83 13.65 -28.22 -23.80
CA SER C 83 12.57 -28.44 -24.77
C SER C 83 12.99 -29.43 -25.85
N SER C 84 13.91 -29.04 -26.72
CA SER C 84 14.55 -29.93 -27.69
C SER C 84 15.71 -29.19 -28.33
N LEU C 85 16.87 -29.83 -28.40
CA LEU C 85 17.93 -29.41 -29.32
C LEU C 85 18.38 -30.63 -30.09
N ARG C 86 18.83 -30.41 -31.32
CA ARG C 86 19.01 -31.44 -32.33
C ARG C 86 20.08 -32.48 -31.99
N SER C 87 21.35 -32.09 -32.05
CA SER C 87 22.41 -33.09 -31.96
C SER C 87 23.60 -32.68 -31.12
N GLU C 88 23.89 -31.39 -30.94
CA GLU C 88 24.98 -31.01 -30.04
C GLU C 88 24.49 -30.76 -28.63
N ASP C 89 23.24 -31.13 -28.35
CA ASP C 89 22.71 -31.07 -27.00
C ASP C 89 23.29 -32.16 -26.11
N THR C 90 23.86 -33.22 -26.70
CA THR C 90 24.38 -34.33 -25.91
C THR C 90 25.58 -33.89 -25.09
N ALA C 91 25.43 -34.00 -23.77
CA ALA C 91 26.28 -33.34 -22.80
C ALA C 91 25.86 -33.85 -21.43
N VAL C 92 26.80 -33.86 -20.50
CA VAL C 92 26.51 -34.27 -19.14
C VAL C 92 26.00 -33.06 -18.37
N TYR C 93 24.89 -33.24 -17.66
CA TYR C 93 24.20 -32.13 -17.03
C TYR C 93 24.35 -32.26 -15.52
N TYR C 94 25.25 -31.47 -14.94
CA TYR C 94 25.42 -31.43 -13.50
C TYR C 94 24.36 -30.52 -12.92
N CYS C 95 24.21 -30.55 -11.61
CA CYS C 95 23.21 -29.72 -10.94
C CYS C 95 23.88 -29.03 -9.75
N ALA C 96 24.50 -27.89 -10.01
CA ALA C 96 25.21 -27.20 -8.95
C ALA C 96 24.25 -26.40 -8.08
N ARG C 97 24.71 -26.09 -6.87
CA ARG C 97 24.00 -25.27 -5.90
C ARG C 97 24.64 -23.87 -5.95
N GLU C 98 24.15 -22.93 -5.13
CA GLU C 98 24.79 -21.61 -5.13
C GLU C 98 24.78 -20.95 -3.76
N ARG C 99 25.99 -20.61 -3.28
CA ARG C 99 26.17 -19.94 -2.00
C ARG C 99 26.12 -18.43 -2.10
N GLY C 100 27.02 -17.82 -2.87
CA GLY C 100 27.00 -16.38 -3.00
C GLY C 100 27.61 -15.60 -1.85
N TYR C 101 28.92 -15.66 -1.70
CA TYR C 101 29.57 -14.99 -0.59
C TYR C 101 29.51 -13.48 -0.78
N SER C 102 29.39 -12.77 0.34
CA SER C 102 29.37 -11.31 0.33
C SER C 102 30.79 -10.77 0.30
N GLY C 103 30.91 -9.52 -0.11
CA GLY C 103 32.22 -8.94 -0.30
C GLY C 103 32.33 -8.34 -1.68
N TYR C 104 33.39 -8.67 -2.37
CA TYR C 104 33.54 -8.31 -3.77
C TYR C 104 33.40 -9.59 -4.58
N GLY C 105 33.06 -9.46 -5.85
CA GLY C 105 32.96 -10.67 -6.63
C GLY C 105 31.66 -11.42 -6.39
N ALA C 106 31.59 -12.60 -7.00
CA ALA C 106 30.30 -13.24 -7.22
C ALA C 106 30.44 -14.76 -7.21
N ALA C 107 29.49 -15.41 -7.84
CA ALA C 107 29.02 -16.77 -7.55
C ALA C 107 30.08 -17.85 -7.78
N TYR C 108 30.36 -18.61 -6.73
CA TYR C 108 30.97 -19.94 -6.77
C TYR C 108 29.87 -20.90 -6.36
N TYR C 109 29.89 -22.14 -6.83
CA TYR C 109 28.64 -22.87 -6.67
C TYR C 109 28.31 -23.50 -5.30
N PHE C 110 28.74 -24.70 -4.91
CA PHE C 110 28.76 -24.94 -3.47
C PHE C 110 30.06 -25.60 -3.10
N ASP C 111 30.05 -26.92 -3.29
CA ASP C 111 30.94 -27.80 -4.02
C ASP C 111 30.00 -28.88 -4.53
N TYR C 112 28.74 -28.77 -4.10
CA TYR C 112 27.68 -29.74 -4.29
C TYR C 112 27.25 -29.72 -5.75
N TRP C 113 27.79 -30.63 -6.54
CA TRP C 113 27.30 -30.83 -7.89
C TRP C 113 26.69 -32.22 -7.92
N GLY C 114 25.72 -32.41 -8.80
CA GLY C 114 25.14 -33.72 -8.98
C GLY C 114 26.13 -34.69 -9.61
N GLN C 115 25.78 -35.98 -9.57
CA GLN C 115 26.67 -37.00 -10.09
C GLN C 115 26.80 -36.95 -11.61
N GLY C 116 25.88 -36.29 -12.29
CA GLY C 116 26.02 -36.04 -13.70
C GLY C 116 25.09 -36.88 -14.56
N THR C 117 24.07 -36.24 -15.11
CA THR C 117 23.14 -36.90 -16.02
C THR C 117 23.61 -36.65 -17.45
N LEU C 118 23.94 -37.72 -18.15
CA LEU C 118 24.37 -37.63 -19.55
C LEU C 118 23.15 -37.85 -20.43
N VAL C 119 22.51 -36.76 -20.83
CA VAL C 119 21.39 -36.80 -21.76
C VAL C 119 21.95 -36.79 -23.16
N THR C 120 21.82 -37.90 -23.87
CA THR C 120 22.27 -38.02 -25.25
C THR C 120 21.07 -37.94 -26.17
N VAL C 121 21.09 -36.98 -27.09
CA VAL C 121 20.12 -36.91 -28.17
C VAL C 121 20.74 -37.56 -29.39
N SER C 122 19.98 -38.43 -30.05
CA SER C 122 20.44 -39.16 -31.22
C SER C 122 19.21 -39.69 -31.94
N SER C 123 19.44 -40.15 -33.17
CA SER C 123 18.40 -40.76 -33.98
C SER C 123 18.55 -42.27 -34.10
N ALA C 124 19.72 -42.82 -33.78
CA ALA C 124 19.95 -44.25 -33.87
C ALA C 124 19.24 -45.00 -32.76
N SER D 1 33.22 -20.25 -24.71
CA SER D 1 33.59 -19.81 -23.37
C SER D 1 34.31 -18.47 -23.42
N VAL D 2 33.84 -17.52 -22.60
CA VAL D 2 34.36 -16.16 -22.66
C VAL D 2 35.74 -16.04 -22.02
N LEU D 3 35.95 -16.64 -20.86
CA LEU D 3 37.18 -16.48 -20.10
C LEU D 3 38.30 -17.23 -20.79
N THR D 4 39.23 -16.47 -21.38
CA THR D 4 40.35 -17.07 -22.10
C THR D 4 41.30 -17.75 -21.12
N GLN D 5 41.62 -19.01 -21.42
CA GLN D 5 42.36 -19.91 -20.58
C GLN D 5 43.10 -20.81 -21.55
N PRO D 6 44.35 -21.19 -21.28
CA PRO D 6 45.13 -21.99 -22.25
C PRO D 6 44.55 -23.37 -22.44
N PRO D 7 44.94 -24.09 -23.52
CA PRO D 7 44.42 -25.44 -23.71
C PRO D 7 44.88 -26.43 -22.65
N SER D 8 46.18 -26.46 -22.36
CA SER D 8 46.71 -27.40 -21.38
C SER D 8 48.06 -26.89 -20.89
N VAL D 9 48.49 -27.43 -19.76
CA VAL D 9 49.82 -27.18 -19.22
C VAL D 9 50.50 -28.53 -19.00
N SER D 10 51.81 -28.48 -18.81
CA SER D 10 52.60 -29.67 -18.56
C SER D 10 53.76 -29.34 -17.64
N GLY D 11 53.96 -30.18 -16.64
CA GLY D 11 55.02 -29.94 -15.67
C GLY D 11 55.47 -31.24 -15.05
N ALA D 12 56.45 -31.12 -14.17
CA ALA D 12 57.04 -32.25 -13.45
C ALA D 12 56.43 -32.37 -12.06
N PRO D 13 56.37 -33.58 -11.48
CA PRO D 13 55.97 -33.68 -10.07
C PRO D 13 57.03 -33.12 -9.14
N GLY D 14 56.65 -32.10 -8.37
CA GLY D 14 57.61 -31.41 -7.52
C GLY D 14 57.87 -30.00 -8.04
N GLN D 15 57.47 -29.76 -9.29
CA GLN D 15 57.60 -28.46 -9.90
C GLN D 15 56.41 -27.60 -9.50
N ARG D 16 56.40 -26.33 -9.93
CA ARG D 16 55.30 -25.41 -9.69
C ARG D 16 54.75 -24.97 -11.04
N VAL D 17 53.44 -25.08 -11.22
CA VAL D 17 52.78 -24.70 -12.46
C VAL D 17 51.71 -23.67 -12.14
N THR D 18 51.46 -22.77 -13.08
CA THR D 18 50.56 -21.64 -12.90
C THR D 18 49.61 -21.60 -14.08
N ILE D 19 48.31 -21.52 -13.80
CA ILE D 19 47.30 -21.55 -14.84
C ILE D 19 46.59 -20.21 -14.93
N SER D 20 46.68 -19.57 -16.09
CA SER D 20 46.17 -18.23 -16.32
C SER D 20 44.69 -18.28 -16.67
N CYS D 21 43.91 -17.40 -16.07
CA CYS D 21 42.53 -17.15 -16.48
C CYS D 21 42.44 -15.67 -16.83
N THR D 22 42.60 -15.35 -18.10
CA THR D 22 42.51 -13.98 -18.57
C THR D 22 41.10 -13.70 -19.07
N GLY D 23 40.47 -12.67 -18.53
CA GLY D 23 39.13 -12.34 -18.94
C GLY D 23 39.08 -11.10 -19.81
N SER D 24 38.09 -10.25 -19.57
CA SER D 24 37.91 -9.02 -20.32
C SER D 24 37.60 -7.91 -19.32
N SER D 25 37.16 -6.76 -19.84
CA SER D 25 36.87 -5.63 -18.96
C SER D 25 35.51 -5.78 -18.29
N SER D 26 34.76 -6.82 -18.63
CA SER D 26 33.42 -7.01 -18.09
C SER D 26 33.33 -8.16 -17.11
N ASN D 27 34.31 -9.04 -17.05
CA ASN D 27 34.20 -10.28 -16.28
C ASN D 27 35.23 -10.42 -15.18
N ILE D 28 36.52 -10.29 -15.48
CA ILE D 28 37.56 -10.43 -14.46
C ILE D 28 38.13 -9.06 -14.12
N GLY D 29 38.42 -8.27 -15.16
CA GLY D 29 38.96 -6.94 -14.98
C GLY D 29 38.04 -5.97 -14.28
N ALA D 30 36.76 -6.30 -14.23
CA ALA D 30 35.76 -5.49 -13.55
C ALA D 30 35.59 -5.87 -12.10
N GLY D 31 36.62 -6.39 -11.45
CA GLY D 31 36.56 -6.61 -10.02
C GLY D 31 35.76 -7.79 -9.55
N TYR D 32 35.07 -8.51 -10.46
CA TYR D 32 34.49 -9.77 -10.06
C TYR D 32 35.59 -10.79 -9.81
N ASP D 33 35.29 -11.75 -8.96
CA ASP D 33 36.30 -12.68 -8.48
C ASP D 33 36.20 -14.00 -9.20
N VAL D 34 37.34 -14.53 -9.62
CA VAL D 34 37.41 -15.80 -10.31
C VAL D 34 37.18 -16.92 -9.30
N HIS D 35 36.89 -18.10 -9.82
CA HIS D 35 36.74 -19.30 -9.01
C HIS D 35 37.29 -20.45 -9.81
N TRP D 36 38.13 -21.26 -9.19
CA TRP D 36 38.77 -22.37 -9.89
C TRP D 36 38.10 -23.68 -9.52
N TYR D 37 38.04 -24.58 -10.50
CA TYR D 37 37.32 -25.86 -10.39
C TYR D 37 38.23 -27.00 -10.79
N GLN D 38 38.06 -28.13 -10.11
CA GLN D 38 38.82 -29.34 -10.37
C GLN D 38 37.90 -30.42 -10.91
N GLN D 39 38.19 -30.90 -12.12
CA GLN D 39 37.46 -32.04 -12.67
C GLN D 39 38.44 -33.17 -12.88
N LEU D 40 38.45 -34.13 -11.95
CA LEU D 40 39.07 -35.41 -12.20
C LEU D 40 38.29 -36.12 -13.30
N PRO D 41 38.98 -36.91 -14.14
CA PRO D 41 38.32 -37.52 -15.31
C PRO D 41 37.19 -38.49 -14.96
N GLY D 42 36.03 -38.28 -15.58
CA GLY D 42 34.88 -39.12 -15.32
C GLY D 42 34.18 -38.83 -14.02
N THR D 43 34.51 -37.71 -13.37
CA THR D 43 33.94 -37.36 -12.07
C THR D 43 33.16 -36.07 -12.19
N ALA D 44 32.29 -35.84 -11.21
CA ALA D 44 31.65 -34.53 -11.10
C ALA D 44 32.67 -33.53 -10.61
N PRO D 45 32.76 -32.34 -11.21
CA PRO D 45 33.74 -31.36 -10.76
C PRO D 45 33.39 -30.78 -9.39
N LYS D 46 34.41 -30.29 -8.70
CA LYS D 46 34.30 -29.86 -7.32
C LYS D 46 34.85 -28.44 -7.17
N LEU D 47 34.63 -27.87 -5.99
CA LEU D 47 35.31 -26.62 -5.63
C LEU D 47 36.79 -26.88 -5.45
N LEU D 48 37.57 -26.30 -6.33
CA LEU D 48 38.93 -25.88 -6.06
C LEU D 48 38.79 -24.45 -5.53
N ILE D 49 39.81 -23.58 -5.70
CA ILE D 49 39.98 -22.31 -5.00
C ILE D 49 38.74 -21.43 -4.90
N TYR D 50 38.32 -21.23 -3.67
CA TYR D 50 37.18 -20.46 -3.21
C TYR D 50 37.52 -18.98 -3.42
N GLY D 51 36.51 -18.18 -3.73
CA GLY D 51 36.53 -16.71 -3.65
C GLY D 51 37.77 -15.94 -4.01
N ASN D 52 38.41 -16.35 -5.12
CA ASN D 52 39.57 -15.79 -5.83
C ASN D 52 40.90 -16.03 -5.13
N SER D 53 40.89 -16.19 -3.80
CA SER D 53 42.07 -16.67 -3.06
C SER D 53 41.54 -17.14 -1.71
N ASN D 54 41.25 -18.43 -1.62
CA ASN D 54 40.65 -19.04 -0.43
C ASN D 54 40.59 -20.53 -0.75
N ARG D 55 40.06 -21.31 0.18
CA ARG D 55 39.96 -22.71 -0.08
C ARG D 55 38.68 -23.25 0.54
N PRO D 56 38.09 -24.29 -0.04
CA PRO D 56 36.95 -24.96 0.59
C PRO D 56 37.44 -26.01 1.57
N SER D 57 36.49 -26.65 2.24
CA SER D 57 36.81 -27.65 3.25
C SER D 57 37.21 -28.96 2.57
N GLY D 58 38.50 -29.26 2.58
CA GLY D 58 38.99 -30.53 2.09
C GLY D 58 39.93 -30.48 0.89
N VAL D 59 40.74 -29.44 0.74
CA VAL D 59 41.67 -29.34 -0.38
C VAL D 59 43.06 -29.12 0.20
N PRO D 60 44.12 -29.69 -0.38
CA PRO D 60 45.47 -29.43 0.12
C PRO D 60 45.90 -27.99 -0.11
N ASP D 61 46.99 -27.63 0.56
CA ASP D 61 47.54 -26.28 0.53
C ASP D 61 48.39 -25.99 -0.69
N ARG D 62 48.45 -26.91 -1.63
CA ARG D 62 49.25 -26.76 -2.84
C ARG D 62 48.60 -25.84 -3.85
N PHE D 63 47.28 -25.65 -3.75
CA PHE D 63 46.52 -24.86 -4.70
C PHE D 63 46.26 -23.49 -4.09
N SER D 64 46.53 -22.43 -4.85
CA SER D 64 46.25 -21.08 -4.39
C SER D 64 45.96 -20.20 -5.59
N GLY D 65 44.93 -19.37 -5.48
CA GLY D 65 44.54 -18.48 -6.55
C GLY D 65 44.94 -17.04 -6.26
N SER D 66 44.93 -16.20 -7.28
CA SER D 66 45.19 -14.78 -7.14
C SER D 66 44.48 -14.06 -8.28
N LYS D 67 44.64 -12.73 -8.32
CA LYS D 67 44.06 -11.94 -9.41
C LYS D 67 44.86 -10.65 -9.53
N SER D 68 45.21 -10.28 -10.76
CA SER D 68 45.91 -9.04 -11.03
C SER D 68 45.28 -8.37 -12.23
N GLY D 69 44.30 -7.50 -12.00
CA GLY D 69 43.67 -6.78 -13.08
C GLY D 69 42.74 -7.64 -13.90
N THR D 70 43.16 -7.97 -15.12
CA THR D 70 42.37 -8.72 -16.08
C THR D 70 42.99 -10.11 -16.27
N SER D 71 43.31 -10.76 -15.17
CA SER D 71 43.97 -12.06 -15.21
C SER D 71 43.64 -12.81 -13.94
N ALA D 72 44.16 -14.04 -13.86
CA ALA D 72 44.15 -14.84 -12.65
C ALA D 72 45.29 -15.84 -12.75
N SER D 73 45.51 -16.59 -11.67
CA SER D 73 46.64 -17.51 -11.64
C SER D 73 46.30 -18.62 -10.66
N LEU D 74 46.16 -19.84 -11.15
CA LEU D 74 45.98 -21.01 -10.30
C LEU D 74 47.36 -21.58 -9.99
N ALA D 75 47.90 -21.21 -8.83
CA ALA D 75 49.24 -21.62 -8.43
C ALA D 75 49.17 -23.01 -7.83
N ILE D 76 49.84 -23.96 -8.50
CA ILE D 76 49.89 -25.35 -8.08
C ILE D 76 51.33 -25.70 -7.81
N THR D 77 51.63 -26.09 -6.58
CA THR D 77 52.99 -26.34 -6.13
C THR D 77 53.16 -27.81 -5.80
N GLY D 78 54.20 -28.43 -6.34
CA GLY D 78 54.44 -29.84 -6.06
C GLY D 78 53.42 -30.74 -6.71
N LEU D 79 53.51 -30.90 -8.03
CA LEU D 79 52.53 -31.67 -8.80
C LEU D 79 52.49 -33.12 -8.35
N GLN D 80 51.32 -33.72 -8.49
CA GLN D 80 51.06 -35.06 -8.00
C GLN D 80 50.39 -35.90 -9.08
N ALA D 81 50.30 -37.20 -8.81
CA ALA D 81 49.60 -38.09 -9.74
C ALA D 81 48.10 -37.90 -9.64
N GLU D 82 47.62 -37.45 -8.48
CA GLU D 82 46.20 -37.13 -8.32
C GLU D 82 45.87 -35.71 -8.70
N ASP D 83 46.80 -35.00 -9.35
CA ASP D 83 46.53 -33.67 -9.88
C ASP D 83 46.28 -33.66 -11.38
N GLU D 84 46.37 -34.82 -12.04
CA GLU D 84 45.94 -34.93 -13.42
C GLU D 84 44.44 -34.75 -13.50
N ALA D 85 44.01 -33.58 -13.94
CA ALA D 85 42.59 -33.22 -13.92
C ALA D 85 42.40 -32.08 -14.91
N ASP D 86 41.16 -31.62 -15.02
CA ASP D 86 40.86 -30.49 -15.88
C ASP D 86 40.41 -29.32 -15.00
N TYR D 87 40.89 -28.12 -15.35
CA TYR D 87 40.79 -26.97 -14.47
C TYR D 87 40.06 -25.83 -15.15
N TYR D 88 38.90 -25.48 -14.60
CA TYR D 88 38.01 -24.49 -15.18
C TYR D 88 37.86 -23.30 -14.26
N CYS D 89 38.16 -22.11 -14.79
CA CYS D 89 38.02 -20.88 -14.02
C CYS D 89 36.63 -20.30 -14.23
N GLN D 90 35.93 -20.04 -13.14
CA GLN D 90 34.63 -19.39 -13.20
C GLN D 90 34.73 -17.96 -12.69
N SER D 91 34.35 -17.00 -13.52
CA SER D 91 34.22 -15.63 -13.08
C SER D 91 32.95 -15.06 -13.69
N TYR D 92 32.14 -14.42 -12.85
CA TYR D 92 30.86 -13.87 -13.27
C TYR D 92 31.08 -12.73 -14.26
N ASP D 93 30.13 -12.57 -15.17
CA ASP D 93 30.30 -11.60 -16.24
C ASP D 93 29.18 -10.57 -16.14
N SER D 94 29.50 -9.34 -16.51
CA SER D 94 28.59 -8.22 -16.28
C SER D 94 27.57 -8.08 -17.41
N SER D 95 28.04 -8.09 -18.65
CA SER D 95 27.16 -7.82 -19.78
C SER D 95 26.23 -8.99 -20.06
N LEU D 96 26.63 -10.20 -19.72
CA LEU D 96 25.83 -11.39 -19.99
C LEU D 96 24.79 -11.66 -18.91
N SER D 97 24.90 -11.02 -17.74
CA SER D 97 24.08 -11.26 -16.56
C SER D 97 24.10 -12.73 -16.14
N GLY D 98 25.26 -13.37 -16.29
CA GLY D 98 25.39 -14.78 -15.99
C GLY D 98 26.84 -15.14 -15.75
N SER D 99 27.02 -16.26 -15.06
CA SER D 99 28.32 -16.65 -14.53
C SER D 99 29.05 -17.52 -15.55
N VAL D 100 30.03 -16.96 -16.22
CA VAL D 100 30.66 -17.63 -17.34
C VAL D 100 31.89 -18.38 -16.85
N PHE D 101 32.22 -19.48 -17.53
CA PHE D 101 33.34 -20.34 -17.21
C PHE D 101 34.53 -20.05 -18.12
N GLY D 102 35.56 -20.88 -17.98
CA GLY D 102 36.78 -20.71 -18.72
C GLY D 102 37.07 -21.86 -19.66
N GLY D 103 38.24 -21.79 -20.30
CA GLY D 103 38.57 -22.69 -21.38
C GLY D 103 39.00 -24.08 -20.97
N GLY D 104 39.49 -24.24 -19.76
CA GLY D 104 39.85 -25.57 -19.31
C GLY D 104 41.28 -25.93 -19.67
N THR D 105 42.02 -26.36 -18.65
CA THR D 105 43.40 -26.81 -18.84
C THR D 105 43.54 -28.23 -18.32
N LYS D 106 44.00 -29.12 -19.18
CA LYS D 106 44.36 -30.48 -18.79
C LYS D 106 45.75 -30.42 -18.20
N LEU D 107 45.89 -30.87 -16.96
CA LEU D 107 47.19 -30.89 -16.30
C LEU D 107 47.82 -32.26 -16.51
N THR D 108 48.96 -32.29 -17.17
CA THR D 108 49.67 -33.53 -17.48
C THR D 108 51.03 -33.50 -16.80
N VAL D 109 51.25 -34.45 -15.90
CA VAL D 109 52.53 -34.60 -15.24
C VAL D 109 53.41 -35.47 -16.13
N LEU D 110 54.73 -35.38 -15.94
CA LEU D 110 55.63 -36.10 -16.82
C LEU D 110 56.47 -37.10 -16.02
N GLY D 111 57.06 -38.05 -16.74
CA GLY D 111 57.90 -39.05 -16.10
C GLY D 111 57.80 -40.44 -16.69
N GLN D 112 56.94 -40.64 -17.68
CA GLN D 112 56.84 -41.93 -18.35
C GLN D 112 56.80 -41.76 -19.87
C1 NAG E . -5.81 33.52 -4.78
C2 NAG E . -7.09 34.27 -5.11
C3 NAG E . -7.25 34.44 -6.61
C4 NAG E . -6.01 35.09 -7.22
C5 NAG E . -4.76 34.30 -6.84
C6 NAG E . -3.48 34.97 -7.29
C7 NAG E . -8.75 33.87 -3.34
C8 NAG E . -9.95 33.09 -2.93
N2 NAG E . -8.25 33.59 -4.55
O3 NAG E . -8.39 35.23 -6.90
O4 NAG E . -6.11 35.15 -8.63
O5 NAG E . -4.69 34.17 -5.41
O6 NAG E . -3.08 35.98 -6.37
O7 NAG E . -8.25 34.73 -2.61
C1 NAG F . 11.11 4.18 16.82
C2 NAG F . 12.22 5.17 17.19
C3 NAG F . 12.55 6.07 16.00
C4 NAG F . 12.86 5.25 14.76
C5 NAG F . 11.72 4.27 14.48
C6 NAG F . 11.99 3.34 13.34
C7 NAG F . 12.71 6.30 19.31
C8 NAG F . 12.15 7.13 20.43
N2 NAG F . 11.85 5.96 18.34
O3 NAG F . 13.67 6.89 16.33
O4 NAG F . 13.05 6.10 13.64
O5 NAG F . 11.48 3.45 15.64
O6 NAG F . 11.17 2.18 13.41
O7 NAG F . 13.88 5.95 19.28
C1 NAG G . 2.57 20.69 -9.35
C2 NAG G . 2.82 20.13 -10.75
C3 NAG G . 4.31 20.23 -11.09
C4 NAG G . 4.81 21.66 -10.91
C5 NAG G . 4.47 22.18 -9.51
C6 NAG G . 4.81 23.63 -9.34
C7 NAG G . 1.89 18.21 -11.97
C8 NAG G . 1.48 16.78 -11.90
N2 NAG G . 2.36 18.75 -10.84
O3 NAG G . 4.53 19.81 -12.42
O4 NAG G . 6.22 21.69 -11.08
O5 NAG G . 3.07 22.05 -9.28
O6 NAG G . 4.34 24.40 -10.43
O7 NAG G . 1.81 18.86 -13.02
C1 NAG H . -14.60 -4.32 -19.27
C2 NAG H . -13.60 -3.88 -20.34
C3 NAG H . -13.81 -4.68 -21.63
C4 NAG H . -13.76 -6.17 -21.34
C5 NAG H . -14.75 -6.53 -20.25
C6 NAG H . -14.65 -7.98 -19.82
C7 NAG H . -12.67 -1.68 -20.89
C8 NAG H . -12.96 -0.23 -21.14
N2 NAG H . -13.71 -2.45 -20.61
O3 NAG H . -12.80 -4.33 -22.57
O4 NAG H . -14.08 -6.90 -22.53
O5 NAG H . -14.51 -5.74 -19.07
O6 NAG H . -14.14 -8.10 -18.50
O7 NAG H . -11.52 -2.13 -20.95
C1 NAG I . 22.89 4.06 -27.39
C2 NAG I . 24.19 4.88 -27.38
C3 NAG I . 24.56 5.34 -28.81
C4 NAG I . 23.40 6.00 -29.53
C5 NAG I . 22.08 5.27 -29.27
C6 NAG I . 21.25 5.06 -30.51
C7 NAG I . 25.11 6.68 -25.96
C8 NAG I . 24.77 7.82 -25.05
N2 NAG I . 24.07 6.02 -26.49
O3 NAG I . 25.06 4.23 -29.56
O4 NAG I . 23.26 7.35 -29.10
O5 NAG I . 22.37 3.98 -28.72
O6 NAG I . 20.17 4.18 -30.27
O7 NAG I . 26.27 6.39 -26.21
#